data_8A67
#
_entry.id   8A67
#
_cell.length_a   57.081
_cell.length_b   58.243
_cell.length_c   61.662
_cell.angle_alpha   78.880
_cell.angle_beta   67.940
_cell.angle_gamma   80.160
#
_symmetry.space_group_name_H-M   'P 1'
#
loop_
_entity.id
_entity.type
_entity.pdbx_description
1 polymer Polyubiquitin-B
2 polymer Polyubiquitin-B
3 polymer 'Synthetic Nanobody NbSL3.3Q'
4 non-polymer GLYCEROL
5 non-polymer 'ISOPROPYL ALCOHOL'
6 non-polymer 'ZINC ION'
7 non-polymer 'CHLORIDE ION'
8 non-polymer 'SODIUM ION'
9 water water
#
loop_
_entity_poly.entity_id
_entity_poly.type
_entity_poly.pdbx_seq_one_letter_code
_entity_poly.pdbx_strand_id
1 'polypeptide(L)' MQIFVKTLTGKTITLEVEPSDTIENVKAKIQDKEGIPPDQQRLIFAGKQLEDGRTLSDYNIQKESTLHLVLR A,E
2 'polypeptide(L)' MQIFVKTLTGKTITLEVEPSDTIENVKAKIQDKEGIPPDQQRLIFAGRQLEDGRTLSDYNIQRESTLHLVLRLRGG B,C,F,G
3 'polypeptide(L)'
;MKYLLPTAAAGLLLLAAQPAMAQVQLQESGGGLVQAGGSLRLSCAASGSIFDLGVMGWYRQAPGKEREQVAGIDYGGVTN
YADSVKGRFTISRDNDTVYLQMNSLKPEDTAVYYCAAGIVGDEVGWIYYLYWGQGTQVTVSSHHHHHH
;
D,H
#
loop_
_chem_comp.id
_chem_comp.type
_chem_comp.name
_chem_comp.formula
CL non-polymer 'CHLORIDE ION' 'Cl -1'
GOL non-polymer GLYCEROL 'C3 H8 O3'
IPA non-polymer 'ISOPROPYL ALCOHOL' 'C3 H8 O'
NA non-polymer 'SODIUM ION' 'Na 1'
ZN non-polymer 'ZINC ION' 'Zn 2'
#
# COMPACT_ATOMS: atom_id res chain seq x y z
N MET A 1 15.41 0.41 3.39
CA MET A 1 16.05 1.51 2.67
C MET A 1 17.56 1.37 2.60
N GLN A 2 18.15 2.07 1.64
CA GLN A 2 19.59 2.22 1.53
C GLN A 2 19.98 3.63 1.94
N ILE A 3 20.95 3.75 2.84
CA ILE A 3 21.53 5.03 3.20
C ILE A 3 23.03 4.96 3.00
N PHE A 4 23.66 6.13 2.92
CA PHE A 4 25.08 6.24 2.71
C PHE A 4 25.75 6.84 3.94
N VAL A 5 26.95 6.35 4.24
CA VAL A 5 27.77 6.87 5.33
C VAL A 5 29.09 7.35 4.72
N LYS A 6 29.43 8.60 4.96
CA LYS A 6 30.57 9.25 4.33
C LYS A 6 31.65 9.52 5.36
N THR A 7 32.84 8.99 5.12
CA THR A 7 33.97 9.20 6.01
C THR A 7 34.74 10.47 5.63
N LEU A 8 35.66 10.87 6.51
CA LEU A 8 36.46 12.07 6.26
C LEU A 8 37.36 11.89 5.05
N THR A 9 37.79 10.67 4.76
CA THR A 9 38.62 10.40 3.60
C THR A 9 37.83 10.47 2.29
N GLY A 10 36.51 10.59 2.36
CA GLY A 10 35.68 10.62 1.17
C GLY A 10 35.08 9.28 0.78
N LYS A 11 35.31 8.24 1.56
CA LYS A 11 34.76 6.92 1.26
C LYS A 11 33.28 6.89 1.61
N THR A 12 32.46 6.46 0.65
CA THR A 12 31.04 6.26 0.86
C THR A 12 30.74 4.77 0.99
N ILE A 13 30.07 4.39 2.07
CA ILE A 13 29.61 3.03 2.26
C ILE A 13 28.09 3.04 2.31
N THR A 14 27.47 2.00 1.78
CA THR A 14 26.02 1.86 1.79
C THR A 14 25.60 0.90 2.89
N LEU A 15 24.53 1.26 3.59
CA LEU A 15 23.92 0.40 4.59
C LEU A 15 22.47 0.17 4.25
N GLU A 16 21.98 -1.03 4.53
CA GLU A 16 20.56 -1.34 4.47
C GLU A 16 19.99 -1.19 5.87
N VAL A 17 19.07 -0.26 6.04
CA VAL A 17 18.53 0.11 7.33
C VAL A 17 17.01 0.15 7.25
N GLU A 18 16.38 0.39 8.39
CA GLU A 18 14.95 0.65 8.50
C GLU A 18 14.72 2.06 9.02
N PRO A 19 13.58 2.67 8.67
CA PRO A 19 13.31 4.03 9.18
C PRO A 19 13.40 4.14 10.68
N SER A 20 12.92 3.15 11.41
CA SER A 20 12.92 3.15 12.87
C SER A 20 14.15 2.48 13.46
N ASP A 21 15.17 2.19 12.65
CA ASP A 21 16.44 1.76 13.19
C ASP A 21 17.06 2.87 14.02
N THR A 22 17.63 2.50 15.17
CA THR A 22 18.30 3.48 16.00
C THR A 22 19.67 3.83 15.42
N ILE A 23 20.18 4.99 15.83
CA ILE A 23 21.57 5.33 15.51
C ILE A 23 22.51 4.27 16.08
N GLU A 24 22.14 3.69 17.23
CA GLU A 24 22.90 2.57 17.78
C GLU A 24 22.94 1.40 16.81
N ASN A 25 21.80 1.06 16.20
CA ASN A 25 21.78 0.01 15.20
C ASN A 25 22.60 0.37 13.98
N VAL A 26 22.67 1.67 13.64
CA VAL A 26 23.44 2.08 12.47
C VAL A 26 24.93 1.93 12.72
N LYS A 27 25.39 2.36 13.91
CA LYS A 27 26.80 2.18 14.25
C LYS A 27 27.19 0.71 14.30
N ALA A 28 26.26 -0.16 14.69
CA ALA A 28 26.53 -1.59 14.69
C ALA A 28 26.66 -2.13 13.27
N LYS A 29 25.86 -1.60 12.35
CA LYS A 29 25.95 -2.03 10.95
C LYS A 29 27.25 -1.55 10.33
N ILE A 30 27.70 -0.34 10.67
CA ILE A 30 28.97 0.16 10.16
C ILE A 30 30.11 -0.73 10.65
N GLN A 31 30.01 -1.25 11.87
CA GLN A 31 31.04 -2.13 12.40
C GLN A 31 31.08 -3.46 11.63
N ASP A 32 29.91 -4.04 11.35
CA ASP A 32 29.88 -5.32 10.67
C ASP A 32 30.40 -5.21 9.24
N LYS A 33 30.32 -4.02 8.63
CA LYS A 33 30.71 -3.81 7.25
C LYS A 33 32.13 -3.27 7.10
N GLU A 34 32.55 -2.38 8.00
CA GLU A 34 33.87 -1.76 7.91
C GLU A 34 34.80 -2.08 9.07
N GLY A 35 34.32 -2.77 10.10
CA GLY A 35 35.18 -3.12 11.22
C GLY A 35 35.49 -1.99 12.17
N ILE A 36 34.69 -0.93 12.18
CA ILE A 36 34.90 0.22 13.05
C ILE A 36 33.98 0.07 14.26
N PRO A 37 34.50 -0.02 15.47
CA PRO A 37 33.64 -0.19 16.65
C PRO A 37 32.75 1.02 16.85
N PRO A 38 31.52 0.83 17.32
CA PRO A 38 30.64 1.98 17.58
C PRO A 38 31.20 2.97 18.58
N ASP A 39 32.12 2.55 19.45
CA ASP A 39 32.70 3.47 20.41
C ASP A 39 33.51 4.56 19.71
N GLN A 40 34.13 4.24 18.58
CA GLN A 40 34.91 5.20 17.82
C GLN A 40 34.06 5.99 16.83
N GLN A 41 32.76 5.70 16.72
CA GLN A 41 31.91 6.29 15.69
C GLN A 41 31.16 7.49 16.21
N ARG A 42 31.03 8.51 15.36
CA ARG A 42 30.23 9.70 15.64
C ARG A 42 29.50 10.05 14.35
N LEU A 43 28.18 9.89 14.33
CA LEU A 43 27.38 10.07 13.12
C LEU A 43 26.78 11.47 13.09
N ILE A 44 26.87 12.11 11.93
CA ILE A 44 26.44 13.49 11.75
C ILE A 44 25.45 13.56 10.58
N PHE A 45 24.42 14.38 10.73
CA PHE A 45 23.52 14.72 9.64
C PHE A 45 23.16 16.20 9.73
N ALA A 46 23.27 16.90 8.61
CA ALA A 46 22.98 18.34 8.54
C ALA A 46 23.79 19.12 9.57
N GLY A 47 24.98 18.61 9.91
CA GLY A 47 25.84 19.25 10.87
C GLY A 47 25.51 18.97 12.32
N LYS A 48 24.56 18.08 12.62
CA LYS A 48 24.19 17.78 13.99
C LYS A 48 24.69 16.39 14.34
N GLN A 49 25.20 16.25 15.57
CA GLN A 49 25.50 14.93 16.10
C GLN A 49 24.19 14.16 16.34
N LEU A 50 24.22 12.88 16.02
CA LEU A 50 23.04 12.02 16.18
C LEU A 50 23.20 11.18 17.44
N GLU A 51 22.17 11.20 18.29
CA GLU A 51 22.22 10.49 19.55
C GLU A 51 21.88 9.02 19.37
N ASP A 52 22.48 8.17 20.20
CA ASP A 52 22.39 6.72 20.01
C ASP A 52 20.96 6.22 20.10
N GLY A 53 20.19 6.75 21.05
CA GLY A 53 18.85 6.23 21.29
C GLY A 53 17.79 6.66 20.29
N ARG A 54 18.10 7.58 19.39
CA ARG A 54 17.12 8.09 18.44
C ARG A 54 17.08 7.23 17.19
N THR A 55 15.92 7.23 16.52
CA THR A 55 15.76 6.53 15.27
C THR A 55 16.11 7.44 14.09
N LEU A 56 16.26 6.83 12.92
CA LEU A 56 16.53 7.61 11.71
C LEU A 56 15.36 8.52 11.37
N SER A 57 14.13 8.06 11.63
CA SER A 57 12.97 8.90 11.38
C SER A 57 12.82 10.01 12.41
N ASP A 58 13.39 9.83 13.61
CA ASP A 58 13.40 10.91 14.59
C ASP A 58 14.10 12.15 14.03
N TYR A 59 15.17 11.93 13.27
CA TYR A 59 15.94 13.00 12.66
C TYR A 59 15.47 13.31 11.24
N ASN A 60 14.35 12.73 10.81
CA ASN A 60 13.80 12.93 9.47
C ASN A 60 14.83 12.59 8.41
N ILE A 61 15.54 11.48 8.62
CA ILE A 61 16.53 10.99 7.66
C ILE A 61 15.81 10.04 6.70
N GLN A 62 15.59 10.51 5.47
CA GLN A 62 14.84 9.75 4.48
C GLN A 62 15.73 8.71 3.81
N LYS A 63 15.17 8.00 2.84
CA LYS A 63 15.93 7.03 2.07
C LYS A 63 17.01 7.73 1.26
N GLU A 64 18.11 7.00 1.02
CA GLU A 64 19.24 7.48 0.21
C GLU A 64 19.86 8.75 0.78
N SER A 65 19.68 9.00 2.07
CA SER A 65 20.34 10.10 2.74
C SER A 65 21.78 9.72 3.07
N THR A 66 22.58 10.75 3.36
CA THR A 66 24.00 10.57 3.64
C THR A 66 24.31 11.07 5.04
N LEU A 67 24.75 10.16 5.91
CA LEU A 67 25.32 10.53 7.19
C LEU A 67 26.84 10.66 7.04
N HIS A 68 27.43 11.47 7.91
CA HIS A 68 28.87 11.68 7.92
C HIS A 68 29.46 11.00 9.15
N LEU A 69 30.39 10.08 8.93
CA LEU A 69 31.04 9.34 10.00
C LEU A 69 32.33 10.06 10.40
N VAL A 70 32.41 10.45 11.67
CA VAL A 70 33.60 11.07 12.24
C VAL A 70 34.11 10.16 13.35
N LEU A 71 35.38 9.80 13.28
CA LEU A 71 35.95 8.87 14.25
C LEU A 71 36.31 9.58 15.55
N ARG A 72 35.97 8.95 16.66
CA ARG A 72 36.29 9.48 17.98
C ARG A 72 37.45 8.71 18.60
N MET B 1 -0.08 12.76 38.22
CA MET B 1 -0.55 11.78 37.25
C MET B 1 0.54 11.42 36.25
N GLN B 2 0.48 10.21 35.71
CA GLN B 2 1.49 9.70 34.79
C GLN B 2 0.99 9.81 33.36
N ILE B 3 1.82 10.40 32.49
CA ILE B 3 1.53 10.50 31.07
C ILE B 3 2.70 9.88 30.30
N PHE B 4 2.52 9.78 28.99
CA PHE B 4 3.52 9.19 28.11
C PHE B 4 3.90 10.16 27.01
N VAL B 5 5.15 10.05 26.55
CA VAL B 5 5.67 10.87 25.46
C VAL B 5 6.49 9.97 24.55
N LYS B 6 6.22 10.05 23.25
CA LYS B 6 7.01 9.30 22.27
C LYS B 6 7.07 10.10 20.97
N THR B 7 8.16 9.90 20.24
CA THR B 7 8.14 10.28 18.83
C THR B 7 7.38 9.22 18.04
N LEU B 8 7.15 9.51 16.76
CA LEU B 8 6.33 8.62 15.94
C LEU B 8 6.94 7.22 15.85
N THR B 9 8.26 7.11 15.83
CA THR B 9 8.93 5.83 15.66
C THR B 9 9.85 5.48 16.84
N GLY B 10 9.95 6.32 17.86
CA GLY B 10 10.86 6.09 18.96
C GLY B 10 10.19 5.44 20.17
N LYS B 11 10.98 5.27 21.21
CA LYS B 11 10.50 4.68 22.45
C LYS B 11 9.61 5.65 23.20
N THR B 12 8.63 5.11 23.91
CA THR B 12 7.74 5.90 24.74
C THR B 12 8.31 6.03 26.14
N ILE B 13 8.25 7.24 26.69
CA ILE B 13 8.79 7.53 28.01
C ILE B 13 7.68 8.08 28.90
N THR B 14 7.82 7.86 30.20
CA THR B 14 6.81 8.21 31.17
C THR B 14 7.17 9.50 31.90
N LEU B 15 6.17 10.36 32.09
CA LEU B 15 6.31 11.58 32.86
C LEU B 15 5.32 11.57 34.02
N GLU B 16 5.77 12.06 35.17
CA GLU B 16 4.88 12.34 36.30
C GLU B 16 4.57 13.82 36.31
N VAL B 17 3.32 14.16 36.02
CA VAL B 17 2.90 15.55 35.83
C VAL B 17 1.62 15.79 36.62
N GLU B 18 1.23 17.06 36.69
CA GLU B 18 -0.05 17.49 37.20
C GLU B 18 -0.80 18.24 36.12
N PRO B 19 -2.14 18.25 36.14
CA PRO B 19 -2.89 18.98 35.11
C PRO B 19 -2.53 20.45 35.05
N SER B 20 -2.09 21.05 36.16
CA SER B 20 -1.70 22.45 36.18
C SER B 20 -0.30 22.70 35.65
N ASP B 21 0.45 21.64 35.30
CA ASP B 21 1.77 21.82 34.73
C ASP B 21 1.68 22.51 33.37
N THR B 22 2.54 23.49 33.15
CA THR B 22 2.60 24.16 31.86
C THR B 22 3.34 23.27 30.85
N ILE B 23 3.16 23.59 29.57
CA ILE B 23 3.86 22.84 28.54
C ILE B 23 5.36 23.07 28.63
N GLU B 24 5.77 24.26 29.06
CA GLU B 24 7.19 24.50 29.31
C GLU B 24 7.71 23.60 30.43
N ASN B 25 6.89 23.37 31.45
CA ASN B 25 7.27 22.45 32.52
C ASN B 25 7.41 21.04 32.00
N VAL B 26 6.50 20.63 31.11
CA VAL B 26 6.56 19.28 30.55
C VAL B 26 7.80 19.11 29.68
N LYS B 27 8.14 20.13 28.89
CA LYS B 27 9.32 20.06 28.05
C LYS B 27 10.59 19.96 28.90
N ALA B 28 10.61 20.66 30.04
CA ALA B 28 11.77 20.57 30.93
C ALA B 28 11.91 19.18 31.51
N LYS B 29 10.80 18.52 31.83
CA LYS B 29 10.86 17.14 32.32
C LYS B 29 11.38 16.20 31.25
N ILE B 30 11.04 16.45 29.99
CA ILE B 30 11.55 15.62 28.90
C ILE B 30 13.07 15.78 28.76
N GLN B 31 13.57 17.00 28.98
CA GLN B 31 15.02 17.20 28.98
C GLN B 31 15.68 16.44 30.10
N ASP B 32 15.09 16.46 31.30
CA ASP B 32 15.65 15.73 32.43
C ASP B 32 15.71 14.23 32.15
N LYS B 33 14.67 13.70 31.49
CA LYS B 33 14.62 12.27 31.21
C LYS B 33 15.41 11.90 29.96
N GLU B 34 15.36 12.73 28.93
CA GLU B 34 15.87 12.33 27.62
C GLU B 34 16.96 13.25 27.07
N GLY B 35 17.28 14.35 27.74
CA GLY B 35 18.34 15.21 27.28
C GLY B 35 18.05 16.03 26.04
N ILE B 36 16.78 16.16 25.66
CA ILE B 36 16.39 16.99 24.54
C ILE B 36 16.06 18.38 25.08
N PRO B 37 16.75 19.43 24.65
CA PRO B 37 16.47 20.76 25.20
C PRO B 37 15.10 21.23 24.76
N PRO B 38 14.44 22.06 25.58
CA PRO B 38 13.08 22.51 25.23
C PRO B 38 13.01 23.28 23.91
N ASP B 39 14.07 24.00 23.54
CA ASP B 39 14.04 24.75 22.28
C ASP B 39 14.12 23.85 21.06
N GLN B 40 14.25 22.54 21.24
CA GLN B 40 14.26 21.59 20.14
C GLN B 40 13.07 20.62 20.21
N GLN B 41 12.04 20.98 20.97
CA GLN B 41 10.89 20.11 21.17
C GLN B 41 9.63 20.72 20.57
N ARG B 42 8.80 19.86 19.97
CA ARG B 42 7.44 20.20 19.58
C ARG B 42 6.52 19.10 20.09
N LEU B 43 5.53 19.48 20.88
CA LEU B 43 4.59 18.53 21.46
C LEU B 43 3.23 18.70 20.80
N ILE B 44 2.63 17.58 20.40
CA ILE B 44 1.35 17.56 19.72
C ILE B 44 0.40 16.65 20.49
N PHE B 45 -0.83 17.11 20.69
CA PHE B 45 -1.88 16.30 21.30
C PHE B 45 -3.22 16.73 20.73
N ALA B 46 -4.05 15.75 20.39
CA ALA B 46 -5.37 16.00 19.82
C ALA B 46 -5.28 16.87 18.57
N GLY B 47 -4.23 16.68 17.78
CA GLY B 47 -4.04 17.47 16.58
C GLY B 47 -3.80 18.94 16.85
N ARG B 48 -3.27 19.28 18.02
CA ARG B 48 -2.98 20.65 18.39
C ARG B 48 -1.53 20.78 18.83
N GLN B 49 -0.89 21.88 18.41
CA GLN B 49 0.42 22.24 18.94
C GLN B 49 0.27 22.71 20.38
N LEU B 50 1.06 22.13 21.28
CA LEU B 50 1.02 22.48 22.70
C LEU B 50 1.90 23.69 22.92
N GLU B 51 1.29 24.84 23.22
CA GLU B 51 2.04 26.08 23.39
C GLU B 51 2.58 26.19 24.80
N ASP B 52 3.77 26.79 24.92
CA ASP B 52 4.56 26.70 26.15
C ASP B 52 3.83 27.31 27.34
N GLY B 53 3.00 28.32 27.12
CA GLY B 53 2.34 28.98 28.24
C GLY B 53 1.10 28.28 28.75
N ARG B 54 0.48 27.42 27.95
CA ARG B 54 -0.73 26.75 28.36
C ARG B 54 -0.40 25.58 29.29
N THR B 55 -1.43 25.10 29.99
CA THR B 55 -1.30 23.97 30.89
C THR B 55 -1.80 22.69 30.22
N LEU B 56 -1.55 21.57 30.88
CA LEU B 56 -2.01 20.28 30.36
C LEU B 56 -3.53 20.19 30.41
N SER B 57 -4.17 20.81 31.41
CA SER B 57 -5.62 20.84 31.48
C SER B 57 -6.22 21.72 30.40
N ASP B 58 -5.45 22.69 29.87
CA ASP B 58 -5.93 23.50 28.77
C ASP B 58 -6.15 22.67 27.51
N TYR B 59 -5.50 21.52 27.40
CA TYR B 59 -5.66 20.62 26.26
C TYR B 59 -6.39 19.35 26.64
N ASN B 60 -6.97 19.29 27.85
CA ASN B 60 -7.66 18.10 28.35
C ASN B 60 -6.75 16.88 28.35
N ILE B 61 -5.48 17.10 28.69
CA ILE B 61 -4.53 16.01 28.80
C ILE B 61 -4.67 15.38 30.18
N GLN B 62 -5.03 14.10 30.22
CA GLN B 62 -5.39 13.42 31.45
C GLN B 62 -4.45 12.25 31.70
N ARG B 63 -4.77 11.50 32.75
CA ARG B 63 -3.99 10.32 33.13
C ARG B 63 -3.83 9.38 31.96
N GLU B 64 -2.61 8.86 31.81
CA GLU B 64 -2.23 7.85 30.82
C GLU B 64 -2.34 8.34 29.38
N SER B 65 -2.52 9.64 29.16
CA SER B 65 -2.48 10.16 27.80
C SER B 65 -1.06 10.14 27.27
N THR B 66 -0.94 10.07 25.95
CA THR B 66 0.37 10.02 25.29
C THR B 66 0.53 11.26 24.42
N LEU B 67 1.60 12.00 24.65
CA LEU B 67 1.94 13.17 23.83
C LEU B 67 2.85 12.74 22.70
N HIS B 68 2.65 13.35 21.53
CA HIS B 68 3.45 13.07 20.35
C HIS B 68 4.57 14.10 20.28
N LEU B 69 5.80 13.64 20.44
CA LEU B 69 6.97 14.51 20.42
C LEU B 69 7.56 14.55 19.02
N VAL B 70 7.83 15.76 18.53
CA VAL B 70 8.46 15.96 17.23
C VAL B 70 9.69 16.83 17.43
N LEU B 71 10.81 16.42 16.85
CA LEU B 71 12.05 17.17 16.98
C LEU B 71 12.03 18.42 16.11
N ARG B 72 12.74 19.45 16.57
CA ARG B 72 12.98 20.65 15.80
C ARG B 72 14.33 20.49 15.11
N LEU B 73 14.33 20.36 13.79
CA LEU B 73 15.52 20.05 13.02
C LEU B 73 15.92 21.24 12.17
N ARG B 74 17.14 21.72 12.37
CA ARG B 74 17.70 22.83 11.62
C ARG B 74 19.11 22.48 11.15
N GLY B 75 19.51 23.06 10.02
CA GLY B 75 20.83 22.81 9.48
C GLY B 75 21.94 23.42 10.33
N GLY B 76 22.87 22.58 10.75
CA GLY B 76 24.06 22.99 11.51
C GLY B 76 23.95 23.48 12.95
N MET C 1 -20.64 5.74 19.04
CA MET C 1 -19.83 6.77 19.67
C MET C 1 -19.26 7.73 18.64
N GLN C 2 -18.95 8.94 19.06
CA GLN C 2 -18.41 9.97 18.18
C GLN C 2 -16.98 10.30 18.57
N ILE C 3 -16.13 10.47 17.55
CA ILE C 3 -14.74 10.84 17.73
C ILE C 3 -14.45 12.06 16.86
N PHE C 4 -13.23 12.58 16.97
CA PHE C 4 -12.83 13.76 16.22
C PHE C 4 -11.53 13.48 15.48
N VAL C 5 -11.44 14.03 14.27
CA VAL C 5 -10.23 13.96 13.45
C VAL C 5 -9.76 15.38 13.20
N LYS C 6 -8.54 15.68 13.60
CA LYS C 6 -8.03 17.05 13.60
C LYS C 6 -6.76 17.14 12.77
N THR C 7 -6.69 18.18 11.94
CA THR C 7 -5.47 18.54 11.24
C THR C 7 -4.87 19.79 11.88
N LEU C 8 -3.54 19.87 11.88
CA LEU C 8 -2.88 21.04 12.43
C LEU C 8 -3.17 22.30 11.63
N THR C 9 -3.78 22.18 10.45
CA THR C 9 -4.20 23.33 9.67
C THR C 9 -5.52 23.93 10.14
N GLY C 10 -6.23 23.24 11.03
CA GLY C 10 -7.44 23.78 11.64
C GLY C 10 -8.71 22.99 11.39
N LYS C 11 -8.69 21.98 10.52
CA LYS C 11 -9.91 21.23 10.21
C LYS C 11 -10.25 20.28 11.36
N THR C 12 -11.51 20.34 11.79
CA THR C 12 -12.03 19.45 12.83
C THR C 12 -13.20 18.67 12.25
N ILE C 13 -13.06 17.35 12.20
CA ILE C 13 -14.09 16.46 11.66
C ILE C 13 -14.71 15.70 12.82
N THR C 14 -16.04 15.64 12.83
CA THR C 14 -16.77 14.85 13.82
C THR C 14 -17.35 13.63 13.13
N LEU C 15 -16.89 12.45 13.54
CA LEU C 15 -17.32 11.18 12.96
C LEU C 15 -18.05 10.35 14.00
N GLU C 16 -19.10 9.66 13.56
CA GLU C 16 -19.74 8.63 14.37
C GLU C 16 -19.15 7.28 13.98
N VAL C 17 -18.54 6.61 14.95
CA VAL C 17 -17.82 5.37 14.73
C VAL C 17 -18.20 4.36 15.81
N GLU C 18 -17.71 3.15 15.64
CA GLU C 18 -17.85 2.10 16.64
C GLU C 18 -16.47 1.69 17.14
N PRO C 19 -16.36 1.24 18.39
CA PRO C 19 -15.04 0.79 18.88
C PRO C 19 -14.43 -0.32 18.05
N SER C 20 -15.24 -1.07 17.31
CA SER C 20 -14.74 -2.12 16.44
C SER C 20 -14.54 -1.66 15.00
N ASP C 21 -14.75 -0.38 14.72
CA ASP C 21 -14.47 0.15 13.40
C ASP C 21 -12.98 0.02 13.10
N THR C 22 -12.65 -0.50 11.92
CA THR C 22 -11.26 -0.58 11.51
C THR C 22 -10.76 0.78 11.06
N ILE C 23 -9.43 0.92 11.03
CA ILE C 23 -8.83 2.19 10.64
C ILE C 23 -9.20 2.54 9.20
N GLU C 24 -9.21 1.55 8.31
CA GLU C 24 -9.56 1.81 6.93
C GLU C 24 -11.03 2.17 6.77
N ASN C 25 -11.90 1.68 7.66
CA ASN C 25 -13.29 2.12 7.65
C ASN C 25 -13.41 3.57 8.10
N VAL C 26 -12.50 4.02 8.97
CA VAL C 26 -12.50 5.42 9.40
C VAL C 26 -11.99 6.32 8.27
N LYS C 27 -10.96 5.86 7.55
CA LYS C 27 -10.43 6.66 6.45
C LYS C 27 -11.43 6.83 5.33
N ALA C 28 -12.33 5.86 5.15
CA ALA C 28 -13.39 6.01 4.16
C ALA C 28 -14.34 7.13 4.55
N LYS C 29 -14.58 7.30 5.85
CA LYS C 29 -15.41 8.42 6.31
C LYS C 29 -14.69 9.75 6.10
N ILE C 30 -13.38 9.78 6.34
CA ILE C 30 -12.62 11.02 6.18
C ILE C 30 -12.61 11.43 4.70
N GLN C 31 -12.49 10.47 3.80
CA GLN C 31 -12.52 10.78 2.37
C GLN C 31 -13.87 11.38 1.98
N ASP C 32 -14.95 10.86 2.54
CA ASP C 32 -16.26 11.47 2.34
C ASP C 32 -16.28 12.90 2.88
N LYS C 33 -15.55 13.15 3.97
CA LYS C 33 -15.55 14.46 4.60
C LYS C 33 -14.58 15.43 3.92
N GLU C 34 -13.42 14.93 3.46
CA GLU C 34 -12.36 15.79 2.97
C GLU C 34 -11.93 15.52 1.53
N GLY C 35 -12.32 14.39 0.94
CA GLY C 35 -11.88 14.11 -0.41
C GLY C 35 -10.43 13.69 -0.54
N ILE C 36 -9.79 13.29 0.56
CA ILE C 36 -8.44 12.76 0.52
C ILE C 36 -8.53 11.24 0.41
N PRO C 37 -7.86 10.62 -0.57
CA PRO C 37 -7.94 9.17 -0.69
C PRO C 37 -7.37 8.50 0.54
N PRO C 38 -7.89 7.31 0.90
CA PRO C 38 -7.36 6.63 2.09
C PRO C 38 -5.87 6.39 2.05
N ASP C 39 -5.32 6.06 0.88
CA ASP C 39 -3.88 5.85 0.76
C ASP C 39 -3.10 7.12 1.07
N GLN C 40 -3.72 8.29 0.95
CA GLN C 40 -3.05 9.55 1.22
C GLN C 40 -3.43 10.14 2.56
N GLN C 41 -4.07 9.36 3.43
CA GLN C 41 -4.31 9.75 4.81
C GLN C 41 -3.38 8.97 5.72
N ARG C 42 -2.91 9.64 6.78
CA ARG C 42 -2.18 8.98 7.86
C ARG C 42 -2.72 9.52 9.17
N LEU C 43 -3.32 8.64 9.97
CA LEU C 43 -3.89 9.01 11.24
C LEU C 43 -2.93 8.67 12.37
N ILE C 44 -2.77 9.61 13.30
CA ILE C 44 -1.85 9.46 14.43
C ILE C 44 -2.65 9.61 15.71
N PHE C 45 -2.48 8.66 16.62
CA PHE C 45 -3.10 8.72 17.94
C PHE C 45 -2.12 8.15 18.95
N ALA C 46 -1.96 8.84 20.08
CA ALA C 46 -1.02 8.44 21.12
C ALA C 46 0.40 8.29 20.56
N GLY C 47 0.75 9.16 19.61
CA GLY C 47 2.06 9.12 19.01
C GLY C 47 2.35 7.88 18.18
N ARG C 48 1.31 7.21 17.67
CA ARG C 48 1.47 6.00 16.89
C ARG C 48 0.71 6.12 15.58
N GLN C 49 1.30 5.58 14.52
CA GLN C 49 0.61 5.50 13.25
C GLN C 49 -0.50 4.46 13.34
N LEU C 50 -1.73 4.87 13.04
CA LEU C 50 -2.85 3.93 13.00
C LEU C 50 -2.78 3.14 11.70
N GLU C 51 -2.79 1.80 11.84
CA GLU C 51 -2.50 0.92 10.72
C GLU C 51 -3.75 0.18 10.26
N ASP C 52 -3.76 -0.19 8.99
CA ASP C 52 -4.87 -0.93 8.41
C ASP C 52 -5.02 -2.29 9.09
N GLY C 53 -6.26 -2.72 9.24
CA GLY C 53 -6.56 -4.00 9.87
C GLY C 53 -6.79 -3.94 11.36
N ARG C 54 -6.40 -2.86 12.02
CA ARG C 54 -6.62 -2.69 13.45
C ARG C 54 -7.90 -1.89 13.69
N THR C 55 -8.52 -2.14 14.85
CA THR C 55 -9.72 -1.42 15.23
C THR C 55 -9.37 -0.21 16.08
N LEU C 56 -10.36 0.66 16.29
CA LEU C 56 -10.16 1.81 17.16
C LEU C 56 -9.90 1.37 18.60
N SER C 57 -10.56 0.29 19.03
CA SER C 57 -10.35 -0.22 20.38
C SER C 57 -8.94 -0.82 20.54
N ASP C 58 -8.34 -1.27 19.43
CA ASP C 58 -6.97 -1.78 19.51
C ASP C 58 -5.99 -0.70 19.94
N TYR C 59 -6.28 0.56 19.62
CA TYR C 59 -5.45 1.69 20.03
C TYR C 59 -6.02 2.42 21.23
N ASN C 60 -7.00 1.84 21.91
CA ASN C 60 -7.67 2.45 23.06
C ASN C 60 -8.30 3.79 22.70
N ILE C 61 -8.78 3.92 21.46
CA ILE C 61 -9.51 5.10 21.03
C ILE C 61 -10.91 5.04 21.62
N GLN C 62 -11.25 6.04 22.42
CA GLN C 62 -12.49 6.06 23.19
C GLN C 62 -13.42 7.15 22.67
N ARG C 63 -14.53 7.31 23.36
CA ARG C 63 -15.51 8.33 22.98
C ARG C 63 -14.91 9.72 23.11
N GLU C 64 -15.15 10.55 22.10
CA GLU C 64 -14.65 11.92 22.02
C GLU C 64 -13.12 12.00 22.01
N SER C 65 -12.45 10.93 21.60
CA SER C 65 -11.03 11.01 21.34
C SER C 65 -10.78 11.77 20.03
N THR C 66 -9.58 12.31 19.89
CA THR C 66 -9.21 13.10 18.72
C THR C 66 -8.04 12.41 18.01
N LEU C 67 -8.26 12.08 16.74
CA LEU C 67 -7.21 11.53 15.89
C LEU C 67 -6.54 12.66 15.10
N HIS C 68 -5.24 12.53 14.91
CA HIS C 68 -4.46 13.53 14.19
C HIS C 68 -4.30 13.06 12.75
N LEU C 69 -4.86 13.82 11.81
CA LEU C 69 -4.80 13.50 10.39
C LEU C 69 -3.66 14.29 9.75
N VAL C 70 -2.75 13.57 9.10
CA VAL C 70 -1.69 14.19 8.32
C VAL C 70 -1.78 13.65 6.89
N LEU C 71 -1.23 14.41 5.96
CA LEU C 71 -1.26 14.05 4.55
C LEU C 71 -0.08 13.15 4.22
N ARG C 72 -0.36 11.98 3.68
CA ARG C 72 0.65 10.96 3.38
C ARG C 72 0.86 10.94 1.87
N LEU C 73 2.02 11.42 1.43
CA LEU C 73 2.34 11.51 0.01
C LEU C 73 3.61 10.73 -0.30
N ARG C 74 3.57 9.98 -1.40
CA ARG C 74 4.75 9.32 -1.93
C ARG C 74 5.81 10.36 -2.30
N GLY C 75 6.98 10.24 -1.70
CA GLY C 75 8.06 11.19 -1.94
C GLY C 75 9.40 10.70 -1.45
N GLY C 76 10.46 11.04 -2.18
CA GLY C 76 11.78 10.53 -1.86
C GLY C 76 11.98 9.13 -2.40
N VAL D 24 -0.22 30.12 12.69
CA VAL D 24 0.80 29.17 12.27
C VAL D 24 0.30 28.41 11.05
N GLN D 25 0.93 28.65 9.90
CA GLN D 25 0.42 28.11 8.64
C GLN D 25 1.48 28.27 7.56
N LEU D 26 1.26 27.56 6.45
CA LEU D 26 1.95 27.78 5.19
C LEU D 26 1.02 28.52 4.24
N GLN D 27 1.62 29.20 3.26
CA GLN D 27 0.84 30.04 2.35
C GLN D 27 1.60 30.19 1.05
N GLU D 28 1.02 29.70 -0.05
CA GLU D 28 1.65 29.74 -1.35
C GLU D 28 1.33 31.05 -2.07
N SER D 29 2.22 31.41 -3.00
CA SER D 29 2.04 32.57 -3.85
C SER D 29 2.93 32.42 -5.07
N GLY D 30 2.60 33.16 -6.13
CA GLY D 30 3.38 33.17 -7.34
C GLY D 30 2.74 32.49 -8.52
N GLY D 31 1.61 31.80 -8.33
CA GLY D 31 0.94 31.16 -9.43
C GLY D 31 0.31 32.16 -10.39
N GLY D 32 -0.16 31.63 -11.51
CA GLY D 32 -0.80 32.46 -12.52
C GLY D 32 -0.89 31.73 -13.84
N LEU D 33 -1.44 32.44 -14.82
CA LEU D 33 -1.57 31.92 -16.18
C LEU D 33 -0.32 32.27 -16.97
N VAL D 34 0.28 31.26 -17.59
CA VAL D 34 1.54 31.42 -18.31
C VAL D 34 1.47 30.61 -19.61
N GLN D 35 2.21 31.05 -20.61
CA GLN D 35 2.26 30.34 -21.87
C GLN D 35 3.17 29.12 -21.75
N ALA D 36 2.97 28.16 -22.66
CA ALA D 36 3.81 26.97 -22.68
C ALA D 36 5.26 27.34 -22.89
N GLY D 37 6.15 26.72 -22.11
CA GLY D 37 7.55 27.05 -22.13
C GLY D 37 7.94 28.20 -21.23
N GLY D 38 6.96 28.88 -20.61
CA GLY D 38 7.25 29.98 -19.72
C GLY D 38 7.76 29.50 -18.37
N SER D 39 8.02 30.48 -17.49
CA SER D 39 8.57 30.21 -16.18
C SER D 39 7.73 30.86 -15.10
N LEU D 40 7.72 30.24 -13.92
CA LEU D 40 7.10 30.79 -12.72
C LEU D 40 7.93 30.35 -11.52
N ARG D 41 7.95 31.20 -10.50
CA ARG D 41 8.59 30.87 -9.23
C ARG D 41 7.53 30.96 -8.13
N LEU D 42 7.20 29.82 -7.55
CA LEU D 42 6.27 29.78 -6.43
C LEU D 42 7.01 30.02 -5.12
N SER D 43 6.36 30.72 -4.21
CA SER D 43 6.91 31.01 -2.90
C SER D 43 6.01 30.39 -1.83
N CYS D 44 6.64 29.85 -0.78
CA CYS D 44 5.91 29.25 0.33
C CYS D 44 6.40 29.91 1.61
N ALA D 45 5.61 30.84 2.15
CA ALA D 45 5.95 31.54 3.37
C ALA D 45 5.44 30.77 4.57
N ALA D 46 6.30 30.57 5.56
CA ALA D 46 5.96 29.81 6.76
C ALA D 46 6.00 30.72 7.99
N SER D 47 5.02 30.52 8.87
CA SER D 47 4.98 31.19 10.16
C SER D 47 5.13 30.15 11.26
N GLY D 48 5.50 30.63 12.45
CA GLY D 48 5.66 29.75 13.59
C GLY D 48 6.83 28.80 13.49
N SER D 49 7.86 29.15 12.71
CA SER D 49 9.07 28.33 12.57
C SER D 49 8.74 26.91 12.15
N ILE D 50 7.69 26.73 11.34
CA ILE D 50 7.18 25.39 11.09
C ILE D 50 8.08 24.61 10.14
N PHE D 51 8.99 25.28 9.42
CA PHE D 51 9.92 24.54 8.58
C PHE D 51 10.92 23.72 9.38
N ASP D 52 10.98 23.91 10.72
CA ASP D 52 11.85 23.07 11.51
C ASP D 52 11.31 21.66 11.72
N LEU D 53 10.17 21.31 11.10
CA LEU D 53 9.74 19.93 11.10
C LEU D 53 10.76 19.03 10.40
N GLY D 54 11.48 19.57 9.42
CA GLY D 54 12.62 18.91 8.82
C GLY D 54 12.45 18.56 7.36
N VAL D 55 11.22 18.33 6.92
CA VAL D 55 10.94 17.88 5.56
C VAL D 55 9.92 18.83 4.93
N MET D 56 10.28 19.41 3.79
CA MET D 56 9.42 20.32 3.06
C MET D 56 9.23 19.80 1.65
N GLY D 57 8.04 20.03 1.10
CA GLY D 57 7.73 19.52 -0.22
C GLY D 57 6.67 20.35 -0.91
N TRP D 58 6.70 20.33 -2.24
CA TRP D 58 5.66 20.88 -3.08
C TRP D 58 4.87 19.74 -3.70
N TYR D 59 3.55 19.88 -3.73
CA TYR D 59 2.71 18.91 -4.42
C TYR D 59 1.60 19.66 -5.15
N ARG D 60 0.97 18.96 -6.09
CA ARG D 60 -0.02 19.58 -6.96
C ARG D 60 -1.20 18.63 -7.16
N GLN D 61 -2.34 19.21 -7.49
CA GLN D 61 -3.54 18.45 -7.82
C GLN D 61 -4.31 19.18 -8.92
N ALA D 62 -4.54 18.50 -10.03
CA ALA D 62 -5.38 18.99 -11.10
C ALA D 62 -6.81 18.46 -10.92
N PRO D 63 -7.80 19.13 -11.49
CA PRO D 63 -9.17 18.63 -11.38
C PRO D 63 -9.30 17.23 -11.99
N GLY D 64 -9.97 16.35 -11.26
CA GLY D 64 -10.13 14.98 -11.68
C GLY D 64 -8.96 14.07 -11.38
N LYS D 65 -7.86 14.61 -10.85
CA LYS D 65 -6.66 13.85 -10.55
C LYS D 65 -6.37 13.91 -9.06
N GLU D 66 -5.40 13.11 -8.64
CA GLU D 66 -5.02 13.00 -7.23
C GLU D 66 -3.82 13.89 -6.94
N ARG D 67 -3.58 14.11 -5.65
CA ARG D 67 -2.41 14.86 -5.23
C ARG D 67 -1.13 14.08 -5.55
N GLU D 68 -0.10 14.81 -5.94
CA GLU D 68 1.15 14.21 -6.38
C GLU D 68 2.30 15.14 -6.01
N GLN D 69 3.28 14.62 -5.29
CA GLN D 69 4.45 15.42 -4.92
C GLN D 69 5.32 15.66 -6.14
N VAL D 70 5.79 16.89 -6.29
CA VAL D 70 6.66 17.25 -7.41
C VAL D 70 8.11 17.46 -6.98
N ALA D 71 8.36 17.96 -5.76
CA ALA D 71 9.71 18.20 -5.30
C ALA D 71 9.71 18.21 -3.78
N GLY D 72 10.87 17.93 -3.21
CA GLY D 72 11.03 17.93 -1.76
C GLY D 72 12.42 18.37 -1.37
N ILE D 73 12.51 18.94 -0.17
CA ILE D 73 13.78 19.36 0.40
C ILE D 73 13.72 19.12 1.91
N ASP D 74 14.83 18.63 2.47
CA ASP D 74 14.94 18.46 3.91
C ASP D 74 15.79 19.56 4.53
N TYR D 75 15.84 19.57 5.87
CA TYR D 75 16.52 20.63 6.59
C TYR D 75 18.03 20.63 6.35
N GLY D 76 18.59 19.55 5.80
CA GLY D 76 19.97 19.58 5.38
C GLY D 76 20.22 20.19 4.02
N GLY D 77 19.15 20.56 3.31
CA GLY D 77 19.27 21.12 1.97
C GLY D 77 19.22 20.12 0.84
N VAL D 78 19.12 18.83 1.15
CA VAL D 78 19.10 17.79 0.13
C VAL D 78 17.73 17.78 -0.54
N THR D 79 17.72 17.85 -1.87
CA THR D 79 16.50 17.92 -2.64
C THR D 79 16.26 16.61 -3.39
N ASN D 80 15.01 16.42 -3.81
CA ASN D 80 14.63 15.30 -4.65
C ASN D 80 13.42 15.71 -5.47
N TYR D 81 13.27 15.10 -6.64
CA TYR D 81 12.27 15.54 -7.60
C TYR D 81 11.53 14.36 -8.19
N ALA D 82 10.29 14.59 -8.59
CA ALA D 82 9.58 13.64 -9.43
C ALA D 82 10.21 13.60 -10.80
N ASP D 83 10.09 12.44 -11.46
CA ASP D 83 10.71 12.27 -12.77
C ASP D 83 10.14 13.24 -13.80
N SER D 84 8.85 13.59 -13.68
CA SER D 84 8.20 14.43 -14.67
C SER D 84 8.67 15.88 -14.63
N VAL D 85 9.42 16.29 -13.62
CA VAL D 85 9.86 17.67 -13.48
C VAL D 85 11.37 17.78 -13.38
N LYS D 86 12.10 16.68 -13.47
CA LYS D 86 13.56 16.72 -13.40
C LYS D 86 14.12 17.52 -14.57
N GLY D 87 15.13 18.35 -14.29
CA GLY D 87 15.70 19.24 -15.28
C GLY D 87 14.88 20.48 -15.55
N ARG D 88 13.68 20.58 -14.98
CA ARG D 88 12.80 21.73 -15.18
C ARG D 88 12.48 22.47 -13.90
N PHE D 89 12.19 21.76 -12.82
CA PHE D 89 11.83 22.37 -11.55
C PHE D 89 13.02 22.35 -10.60
N THR D 90 13.08 23.36 -9.73
CA THR D 90 14.12 23.45 -8.72
C THR D 90 13.50 23.96 -7.43
N ILE D 91 13.61 23.17 -6.36
CA ILE D 91 13.14 23.56 -5.04
C ILE D 91 14.33 24.07 -4.23
N SER D 92 14.12 25.17 -3.51
CA SER D 92 15.17 25.79 -2.71
C SER D 92 14.52 26.43 -1.48
N ARG D 93 15.37 26.95 -0.60
CA ARG D 93 14.88 27.49 0.66
C ARG D 93 15.72 28.68 1.08
N ASP D 94 15.05 29.70 1.64
CA ASP D 94 15.68 30.82 2.32
C ASP D 94 15.02 30.94 3.70
N ASN D 95 15.54 30.17 4.65
CA ASN D 95 15.09 30.23 6.04
C ASN D 95 13.60 29.92 6.17
N ASP D 96 12.77 30.97 6.16
CA ASP D 96 11.34 30.82 6.37
C ASP D 96 10.54 30.87 5.06
N THR D 97 11.20 30.68 3.92
CA THR D 97 10.52 30.67 2.64
C THR D 97 11.10 29.55 1.78
N VAL D 98 10.22 28.71 1.24
CA VAL D 98 10.59 27.64 0.31
C VAL D 98 10.09 28.01 -1.07
N TYR D 99 10.95 27.85 -2.08
CA TYR D 99 10.64 28.22 -3.45
C TYR D 99 10.51 26.99 -4.33
N LEU D 100 9.84 27.18 -5.47
CA LEU D 100 9.78 26.17 -6.53
C LEU D 100 9.92 26.90 -7.86
N GLN D 101 11.15 26.94 -8.38
CA GLN D 101 11.42 27.54 -9.68
C GLN D 101 10.95 26.57 -10.77
N MET D 102 9.94 26.99 -11.54
CA MET D 102 9.35 26.15 -12.57
C MET D 102 9.74 26.71 -13.94
N ASN D 103 10.51 25.94 -14.71
CA ASN D 103 10.93 26.33 -16.04
C ASN D 103 10.39 25.34 -17.07
N SER D 104 10.29 25.81 -18.32
CA SER D 104 9.81 25.01 -19.43
C SER D 104 8.45 24.38 -19.12
N LEU D 105 7.54 25.23 -18.66
CA LEU D 105 6.24 24.74 -18.21
C LEU D 105 5.42 24.20 -19.38
N LYS D 106 4.73 23.09 -19.13
CA LYS D 106 3.90 22.42 -20.11
C LYS D 106 2.43 22.49 -19.70
N PRO D 107 1.50 22.34 -20.64
CA PRO D 107 0.07 22.28 -20.28
C PRO D 107 -0.22 21.23 -19.22
N GLU D 108 0.53 20.14 -19.20
CA GLU D 108 0.32 19.07 -18.22
C GLU D 108 0.71 19.50 -16.80
N ASP D 109 1.43 20.61 -16.66
CA ASP D 109 1.78 21.15 -15.35
C ASP D 109 0.64 21.97 -14.73
N THR D 110 -0.48 22.12 -15.43
CA THR D 110 -1.59 22.90 -14.90
C THR D 110 -2.22 22.18 -13.72
N ALA D 111 -2.22 22.84 -12.56
CA ALA D 111 -2.80 22.30 -11.33
C ALA D 111 -2.71 23.37 -10.26
N VAL D 112 -3.37 23.11 -9.13
CA VAL D 112 -3.15 23.89 -7.92
C VAL D 112 -1.95 23.33 -7.20
N TYR D 113 -0.96 24.19 -6.90
CA TYR D 113 0.27 23.77 -6.29
C TYR D 113 0.26 24.11 -4.80
N TYR D 114 0.57 23.12 -3.96
CA TYR D 114 0.59 23.29 -2.52
C TYR D 114 2.00 23.03 -2.01
N CYS D 115 2.40 23.78 -0.98
CA CYS D 115 3.61 23.48 -0.24
C CYS D 115 3.22 22.88 1.10
N ALA D 116 4.02 21.94 1.58
CA ALA D 116 3.71 21.23 2.79
C ALA D 116 4.98 20.95 3.58
N ALA D 117 4.83 20.81 4.89
CA ALA D 117 5.92 20.49 5.79
C ALA D 117 5.49 19.36 6.71
N GLY D 118 6.40 18.46 7.00
CA GLY D 118 6.06 17.33 7.84
C GLY D 118 7.26 16.49 8.20
N ILE D 119 6.97 15.22 8.50
CA ILE D 119 7.96 14.27 9.00
C ILE D 119 7.82 12.97 8.22
N VAL D 120 8.74 12.05 8.49
CA VAL D 120 8.66 10.68 7.98
C VAL D 120 8.38 9.76 9.16
N GLY D 121 7.70 8.66 8.88
CA GLY D 121 7.40 7.69 9.90
C GLY D 121 8.24 6.44 9.78
N ASP D 122 7.62 5.27 9.99
CA ASP D 122 8.30 3.99 9.83
C ASP D 122 8.26 3.48 8.40
N GLU D 123 7.71 4.24 7.47
CA GLU D 123 7.64 3.82 6.07
C GLU D 123 8.82 4.39 5.28
N VAL D 124 9.12 3.73 4.16
CA VAL D 124 10.16 4.17 3.25
C VAL D 124 9.50 4.84 2.05
N GLY D 125 9.96 6.04 1.72
CA GLY D 125 9.48 6.74 0.54
C GLY D 125 8.14 7.43 0.70
N TRP D 126 7.57 7.47 1.90
CA TRP D 126 6.33 8.18 2.15
C TRP D 126 6.56 9.26 3.20
N ILE D 127 5.92 10.40 3.01
CA ILE D 127 6.10 11.56 3.87
C ILE D 127 4.77 11.92 4.52
N TYR D 128 4.80 12.21 5.81
CA TYR D 128 3.61 12.61 6.56
C TYR D 128 3.66 14.12 6.72
N TYR D 129 2.89 14.82 5.89
CA TYR D 129 2.87 16.28 5.94
C TYR D 129 1.89 16.75 7.01
N LEU D 130 2.41 17.47 8.00
CA LEU D 130 1.59 17.95 9.11
C LEU D 130 0.84 19.23 8.72
N TYR D 131 1.49 20.09 7.94
CA TYR D 131 0.92 21.36 7.51
C TYR D 131 0.92 21.43 5.99
N TRP D 132 -0.03 22.19 5.46
CA TRP D 132 -0.11 22.47 4.03
C TRP D 132 -0.89 23.76 3.85
N GLY D 133 -0.56 24.49 2.78
CA GLY D 133 -1.22 25.75 2.50
C GLY D 133 -2.49 25.58 1.70
N GLN D 134 -3.09 26.71 1.35
CA GLN D 134 -4.32 26.71 0.57
C GLN D 134 -4.08 26.56 -0.92
N GLY D 135 -2.83 26.65 -1.36
CA GLY D 135 -2.48 26.41 -2.74
C GLY D 135 -2.51 27.66 -3.60
N THR D 136 -1.78 27.59 -4.71
CA THR D 136 -1.77 28.63 -5.72
C THR D 136 -1.99 27.99 -7.09
N GLN D 137 -2.80 28.63 -7.92
CA GLN D 137 -3.17 28.06 -9.21
C GLN D 137 -2.13 28.38 -10.26
N VAL D 138 -1.67 27.34 -10.96
CA VAL D 138 -0.77 27.47 -12.10
C VAL D 138 -1.50 26.93 -13.32
N THR D 139 -1.70 27.78 -14.32
CA THR D 139 -2.32 27.39 -15.58
C THR D 139 -1.33 27.67 -16.70
N VAL D 140 -1.02 26.63 -17.47
CA VAL D 140 -0.09 26.72 -18.60
C VAL D 140 -0.88 26.47 -19.88
N SER D 141 -0.91 27.45 -20.76
CA SER D 141 -1.69 27.37 -21.99
C SER D 141 -0.78 27.47 -23.19
N SER D 142 -1.12 26.73 -24.25
CA SER D 142 -0.43 26.89 -25.52
C SER D 142 -0.78 28.25 -26.11
N HIS D 143 0.25 29.00 -26.51
CA HIS D 143 0.09 30.31 -27.14
C HIS D 143 0.90 30.33 -28.41
N HIS D 144 0.22 30.34 -29.56
CA HIS D 144 0.91 30.31 -30.83
C HIS D 144 1.78 31.54 -31.00
N HIS D 145 3.06 31.32 -31.33
CA HIS D 145 4.03 32.40 -31.46
C HIS D 145 3.90 32.99 -32.87
N HIS D 146 3.20 34.11 -32.99
CA HIS D 146 2.87 34.70 -34.28
C HIS D 146 3.83 35.83 -34.61
N HIS D 147 5.07 35.44 -34.90
CA HIS D 147 6.15 36.35 -35.27
C HIS D 147 7.05 35.62 -36.28
N HIS D 148 6.55 35.50 -37.50
CA HIS D 148 7.19 34.66 -38.51
C HIS D 148 8.32 35.40 -39.23
N MET E 1 -24.75 -16.59 -10.42
CA MET E 1 -24.43 -16.41 -9.01
C MET E 1 -25.14 -15.19 -8.43
N GLN E 2 -25.17 -15.10 -7.12
CA GLN E 2 -25.85 -14.01 -6.42
C GLN E 2 -24.84 -12.97 -5.94
N ILE E 3 -25.21 -11.69 -6.10
CA ILE E 3 -24.48 -10.58 -5.50
C ILE E 3 -25.50 -9.61 -4.92
N PHE E 4 -25.04 -8.78 -3.99
CA PHE E 4 -25.88 -7.82 -3.32
C PHE E 4 -25.50 -6.40 -3.74
N VAL E 5 -26.49 -5.52 -3.79
CA VAL E 5 -26.29 -4.11 -4.11
C VAL E 5 -27.05 -3.28 -3.08
N LYS E 6 -26.35 -2.37 -2.42
CA LYS E 6 -26.96 -1.45 -1.47
C LYS E 6 -27.29 -0.14 -2.19
N THR E 7 -28.57 0.20 -2.24
CA THR E 7 -29.01 1.40 -2.93
C THR E 7 -28.69 2.64 -2.10
N LEU E 8 -29.06 3.81 -2.63
CA LEU E 8 -28.82 5.06 -1.94
C LEU E 8 -29.78 5.28 -0.76
N THR E 9 -30.80 4.44 -0.63
CA THR E 9 -31.74 4.52 0.49
C THR E 9 -31.41 3.52 1.59
N GLY E 10 -30.31 2.79 1.46
CA GLY E 10 -29.98 1.73 2.38
C GLY E 10 -30.56 0.38 2.03
N LYS E 11 -31.38 0.31 0.97
CA LYS E 11 -31.97 -0.96 0.57
C LYS E 11 -30.93 -1.89 -0.01
N THR E 12 -30.99 -3.15 0.39
CA THR E 12 -30.15 -4.20 -0.17
C THR E 12 -30.99 -5.05 -1.13
N ILE E 13 -30.51 -5.20 -2.36
CA ILE E 13 -31.18 -6.02 -3.35
C ILE E 13 -30.23 -7.11 -3.80
N THR E 14 -30.80 -8.23 -4.26
CA THR E 14 -30.02 -9.34 -4.77
C THR E 14 -30.10 -9.36 -6.29
N LEU E 15 -28.98 -9.68 -6.92
CA LEU E 15 -28.89 -9.77 -8.37
C LEU E 15 -28.39 -11.16 -8.78
N GLU E 16 -28.95 -11.68 -9.86
CA GLU E 16 -28.48 -12.92 -10.47
C GLU E 16 -27.53 -12.53 -11.60
N VAL E 17 -26.24 -12.79 -11.40
CA VAL E 17 -25.20 -12.35 -12.32
C VAL E 17 -24.30 -13.52 -12.66
N GLU E 18 -23.45 -13.32 -13.66
CA GLU E 18 -22.38 -14.20 -14.07
C GLU E 18 -21.03 -13.55 -13.77
N PRO E 19 -19.99 -14.34 -13.49
CA PRO E 19 -18.67 -13.76 -13.26
C PRO E 19 -18.18 -12.86 -14.38
N SER E 20 -18.54 -13.18 -15.63
CA SER E 20 -18.10 -12.40 -16.78
C SER E 20 -19.06 -11.27 -17.13
N ASP E 21 -20.11 -11.06 -16.32
CA ASP E 21 -20.99 -9.92 -16.54
C ASP E 21 -20.22 -8.61 -16.39
N THR E 22 -20.50 -7.67 -17.28
CA THR E 22 -19.88 -6.36 -17.16
C THR E 22 -20.62 -5.51 -16.13
N ILE E 23 -19.94 -4.46 -15.65
CA ILE E 23 -20.59 -3.52 -14.76
C ILE E 23 -21.79 -2.87 -15.44
N GLU E 24 -21.68 -2.63 -16.75
CA GLU E 24 -22.82 -2.14 -17.51
C GLU E 24 -23.99 -3.11 -17.45
N ASN E 25 -23.71 -4.41 -17.49
CA ASN E 25 -24.78 -5.40 -17.34
C ASN E 25 -25.39 -5.33 -15.94
N VAL E 26 -24.55 -5.11 -14.92
CA VAL E 26 -25.05 -5.04 -13.55
C VAL E 26 -25.98 -3.84 -13.39
N LYS E 27 -25.61 -2.70 -13.97
CA LYS E 27 -26.46 -1.52 -13.89
C LYS E 27 -27.77 -1.74 -14.64
N ALA E 28 -27.76 -2.55 -15.70
CA ALA E 28 -28.99 -2.87 -16.40
C ALA E 28 -29.90 -3.74 -15.54
N LYS E 29 -29.31 -4.67 -14.77
CA LYS E 29 -30.12 -5.52 -13.90
C LYS E 29 -30.65 -4.73 -12.70
N ILE E 30 -29.89 -3.74 -12.23
CA ILE E 30 -30.38 -2.89 -11.14
C ILE E 30 -31.58 -2.08 -11.61
N GLN E 31 -31.57 -1.63 -12.87
CA GLN E 31 -32.71 -0.91 -13.42
C GLN E 31 -33.92 -1.82 -13.56
N ASP E 32 -33.70 -3.08 -13.94
CA ASP E 32 -34.81 -4.02 -14.09
C ASP E 32 -35.50 -4.29 -12.76
N LYS E 33 -34.71 -4.40 -11.68
CA LYS E 33 -35.29 -4.76 -10.39
C LYS E 33 -35.84 -3.55 -9.64
N GLU E 34 -35.13 -2.43 -9.67
CA GLU E 34 -35.49 -1.28 -8.85
C GLU E 34 -35.93 -0.06 -9.65
N GLY E 35 -35.76 -0.07 -10.97
CA GLY E 35 -36.13 1.09 -11.77
C GLY E 35 -35.14 2.23 -11.74
N ILE E 36 -33.97 2.02 -11.15
CA ILE E 36 -32.94 3.07 -11.07
C ILE E 36 -32.23 3.16 -12.42
N PRO E 37 -32.31 4.29 -13.12
CA PRO E 37 -31.65 4.39 -14.43
C PRO E 37 -30.15 4.25 -14.30
N PRO E 38 -29.53 3.52 -15.22
CA PRO E 38 -28.06 3.32 -15.13
C PRO E 38 -27.27 4.61 -15.14
N ASP E 39 -27.74 5.65 -15.82
CA ASP E 39 -27.03 6.92 -15.83
C ASP E 39 -27.00 7.60 -14.47
N GLN E 40 -27.80 7.13 -13.51
CA GLN E 40 -27.77 7.62 -12.14
C GLN E 40 -27.00 6.69 -11.22
N GLN E 41 -26.42 5.61 -11.73
CA GLN E 41 -25.80 4.59 -10.91
C GLN E 41 -24.28 4.75 -10.93
N ARG E 42 -23.69 4.86 -9.75
CA ARG E 42 -22.24 4.81 -9.56
C ARG E 42 -21.97 3.68 -8.58
N LEU E 43 -21.33 2.61 -9.05
CA LEU E 43 -21.10 1.41 -8.25
C LEU E 43 -19.68 1.39 -7.72
N ILE E 44 -19.53 1.07 -6.44
CA ILE E 44 -18.21 0.96 -5.82
C ILE E 44 -18.09 -0.41 -5.17
N PHE E 45 -16.85 -0.89 -5.09
CA PHE E 45 -16.51 -2.12 -4.39
C PHE E 45 -15.18 -1.89 -3.67
N ALA E 46 -15.17 -2.13 -2.36
CA ALA E 46 -14.00 -1.88 -1.53
C ALA E 46 -13.54 -0.43 -1.64
N GLY E 47 -14.51 0.48 -1.75
CA GLY E 47 -14.22 1.90 -1.82
C GLY E 47 -13.71 2.40 -3.16
N LYS E 48 -13.71 1.57 -4.20
CA LYS E 48 -13.21 1.94 -5.51
C LYS E 48 -14.35 1.94 -6.52
N GLN E 49 -14.38 2.95 -7.38
CA GLN E 49 -15.43 3.09 -8.38
C GLN E 49 -15.22 2.09 -9.51
N LEU E 50 -16.30 1.44 -9.93
CA LEU E 50 -16.26 0.39 -10.93
C LEU E 50 -16.58 0.95 -12.31
N GLU E 51 -15.85 0.49 -13.31
CA GLU E 51 -15.96 1.00 -14.68
C GLU E 51 -16.90 0.13 -15.50
N ASP E 52 -17.67 0.78 -16.38
CA ASP E 52 -18.72 0.09 -17.12
C ASP E 52 -18.17 -1.05 -17.96
N GLY E 53 -16.98 -0.88 -18.54
CA GLY E 53 -16.44 -1.87 -19.46
C GLY E 53 -15.81 -3.08 -18.83
N ARG E 54 -15.59 -3.06 -17.52
CA ARG E 54 -14.93 -4.17 -16.83
C ARG E 54 -15.95 -5.22 -16.40
N THR E 55 -15.46 -6.44 -16.20
CA THR E 55 -16.29 -7.52 -15.69
C THR E 55 -16.19 -7.59 -14.17
N LEU E 56 -17.12 -8.34 -13.57
CA LEU E 56 -17.08 -8.55 -12.13
C LEU E 56 -15.81 -9.29 -11.73
N SER E 57 -15.40 -10.27 -12.54
CA SER E 57 -14.17 -11.00 -12.26
C SER E 57 -12.94 -10.13 -12.43
N ASP E 58 -13.02 -9.10 -13.27
CA ASP E 58 -11.90 -8.15 -13.40
C ASP E 58 -11.60 -7.49 -12.06
N TYR E 59 -12.64 -7.17 -11.29
CA TYR E 59 -12.50 -6.58 -9.97
C TYR E 59 -12.42 -7.63 -8.87
N ASN E 60 -12.31 -8.91 -9.25
CA ASN E 60 -12.23 -10.01 -8.29
C ASN E 60 -13.42 -10.01 -7.33
N ILE E 61 -14.59 -9.74 -7.88
CA ILE E 61 -15.83 -9.74 -7.13
C ILE E 61 -16.40 -11.16 -7.17
N GLN E 62 -16.28 -11.87 -6.05
CA GLN E 62 -16.72 -13.26 -5.98
C GLN E 62 -18.23 -13.32 -5.78
N LYS E 63 -18.75 -14.54 -5.71
CA LYS E 63 -20.15 -14.75 -5.40
C LYS E 63 -20.49 -14.15 -4.04
N GLU E 64 -21.73 -13.67 -3.91
CA GLU E 64 -22.26 -13.16 -2.65
C GLU E 64 -21.51 -11.92 -2.16
N SER E 65 -20.78 -11.24 -3.04
CA SER E 65 -20.19 -9.96 -2.70
C SER E 65 -21.27 -8.86 -2.71
N THR E 66 -20.93 -7.71 -2.15
CA THR E 66 -21.87 -6.60 -2.02
C THR E 66 -21.31 -5.36 -2.69
N LEU E 67 -22.12 -4.77 -3.56
CA LEU E 67 -21.79 -3.50 -4.22
C LEU E 67 -22.57 -2.37 -3.56
N HIS E 68 -22.02 -1.16 -3.62
CA HIS E 68 -22.68 0.03 -3.11
C HIS E 68 -22.96 0.99 -4.24
N LEU E 69 -24.20 1.48 -4.28
CA LEU E 69 -24.56 2.61 -5.12
C LEU E 69 -24.32 3.89 -4.33
N VAL E 70 -23.53 4.81 -4.89
CA VAL E 70 -23.15 6.03 -4.21
C VAL E 70 -23.67 7.22 -5.02
N LEU E 71 -23.58 8.39 -4.41
CA LEU E 71 -23.99 9.62 -5.08
C LEU E 71 -23.11 9.88 -6.30
N ARG E 72 -23.73 9.99 -7.46
CA ARG E 72 -22.99 10.29 -8.68
C ARG E 72 -22.96 11.81 -8.90
N MET F 1 4.39 -3.92 -34.96
CA MET F 1 3.87 -5.26 -34.76
C MET F 1 2.71 -5.25 -33.76
N GLN F 2 1.72 -6.11 -34.01
CA GLN F 2 0.50 -6.13 -33.23
C GLN F 2 0.56 -7.23 -32.17
N ILE F 3 0.13 -6.90 -30.96
CA ILE F 3 -0.05 -7.86 -29.89
C ILE F 3 -1.42 -7.62 -29.26
N PHE F 4 -1.92 -8.64 -28.56
CA PHE F 4 -3.20 -8.56 -27.89
C PHE F 4 -3.01 -8.50 -26.38
N VAL F 5 -3.95 -7.85 -25.70
CA VAL F 5 -4.00 -7.81 -24.25
C VAL F 5 -5.44 -8.05 -23.82
N LYS F 6 -5.62 -8.87 -22.79
CA LYS F 6 -6.94 -9.10 -22.23
C LYS F 6 -6.79 -9.45 -20.75
N THR F 7 -7.84 -9.16 -19.99
CA THR F 7 -7.97 -9.78 -18.69
C THR F 7 -8.53 -11.19 -18.88
N LEU F 8 -8.52 -11.97 -17.79
CA LEU F 8 -8.88 -13.39 -17.90
C LEU F 8 -10.29 -13.57 -18.40
N THR F 9 -11.22 -12.70 -18.01
CA THR F 9 -12.60 -12.79 -18.43
C THR F 9 -13.07 -11.60 -19.26
N GLY F 10 -12.18 -10.65 -19.57
CA GLY F 10 -12.57 -9.47 -20.31
C GLY F 10 -12.35 -9.61 -21.81
N LYS F 11 -12.66 -8.53 -22.52
CA LYS F 11 -12.52 -8.50 -23.96
C LYS F 11 -11.06 -8.29 -24.35
N THR F 12 -10.75 -8.63 -25.60
CA THR F 12 -9.40 -8.54 -26.12
C THR F 12 -9.20 -7.21 -26.84
N ILE F 13 -8.09 -6.54 -26.54
CA ILE F 13 -7.72 -5.30 -27.21
C ILE F 13 -6.40 -5.51 -27.94
N THR F 14 -6.12 -4.63 -28.89
CA THR F 14 -4.91 -4.69 -29.71
C THR F 14 -3.98 -3.54 -29.34
N LEU F 15 -2.69 -3.76 -29.56
CA LEU F 15 -1.66 -2.74 -29.38
C LEU F 15 -0.66 -2.81 -30.52
N GLU F 16 -0.24 -1.65 -31.00
CA GLU F 16 0.88 -1.56 -31.93
C GLU F 16 2.15 -1.31 -31.12
N VAL F 17 3.07 -2.27 -31.13
CA VAL F 17 4.27 -2.24 -30.31
C VAL F 17 5.47 -2.63 -31.16
N GLU F 18 6.65 -2.43 -30.60
CA GLU F 18 7.91 -2.89 -31.17
C GLU F 18 8.61 -3.81 -30.18
N PRO F 19 9.38 -4.77 -30.65
CA PRO F 19 10.11 -5.66 -29.73
C PRO F 19 11.02 -4.90 -28.76
N SER F 20 11.44 -3.69 -29.09
CA SER F 20 12.26 -2.88 -28.22
C SER F 20 11.46 -2.01 -27.26
N ASP F 21 10.13 -2.09 -27.30
CA ASP F 21 9.31 -1.32 -26.37
C ASP F 21 9.43 -1.91 -24.97
N THR F 22 9.60 -1.03 -23.99
CA THR F 22 9.67 -1.47 -22.60
C THR F 22 8.27 -1.86 -22.10
N ILE F 23 8.24 -2.52 -20.95
CA ILE F 23 6.96 -2.94 -20.38
C ILE F 23 6.18 -1.73 -19.87
N GLU F 24 6.87 -0.75 -19.29
CA GLU F 24 6.20 0.49 -18.92
C GLU F 24 5.69 1.23 -20.15
N ASN F 25 6.33 1.02 -21.30
CA ASN F 25 5.80 1.55 -22.56
C ASN F 25 4.50 0.88 -22.93
N VAL F 26 4.44 -0.45 -22.78
CA VAL F 26 3.23 -1.18 -23.12
C VAL F 26 2.08 -0.79 -22.19
N LYS F 27 2.38 -0.60 -20.90
CA LYS F 27 1.34 -0.20 -19.95
C LYS F 27 0.82 1.20 -20.28
N ALA F 28 1.70 2.10 -20.72
CA ALA F 28 1.26 3.43 -21.11
C ALA F 28 0.35 3.37 -22.33
N LYS F 29 0.65 2.49 -23.28
CA LYS F 29 -0.22 2.32 -24.44
C LYS F 29 -1.55 1.69 -24.04
N ILE F 30 -1.55 0.87 -22.98
CA ILE F 30 -2.80 0.34 -22.47
C ILE F 30 -3.63 1.44 -21.82
N GLN F 31 -2.97 2.38 -21.15
CA GLN F 31 -3.68 3.51 -20.55
C GLN F 31 -4.31 4.39 -21.63
N ASP F 32 -3.61 4.59 -22.74
CA ASP F 32 -4.15 5.40 -23.83
C ASP F 32 -5.45 4.82 -24.36
N LYS F 33 -5.52 3.50 -24.49
CA LYS F 33 -6.66 2.83 -25.10
C LYS F 33 -7.76 2.49 -24.10
N GLU F 34 -7.42 2.25 -22.83
CA GLU F 34 -8.36 1.70 -21.88
C GLU F 34 -8.57 2.52 -20.63
N GLY F 35 -7.67 3.47 -20.33
CA GLY F 35 -7.83 4.32 -19.18
C GLY F 35 -7.24 3.78 -17.89
N ILE F 36 -6.72 2.55 -17.90
CA ILE F 36 -6.10 1.97 -16.71
C ILE F 36 -4.70 2.53 -16.55
N PRO F 37 -4.39 3.23 -15.46
CA PRO F 37 -3.04 3.78 -15.29
C PRO F 37 -2.03 2.66 -15.13
N PRO F 38 -0.76 2.90 -15.52
CA PRO F 38 0.25 1.84 -15.41
C PRO F 38 0.43 1.29 -14.01
N ASP F 39 0.22 2.12 -12.97
CA ASP F 39 0.36 1.64 -11.60
C ASP F 39 -0.79 0.72 -11.18
N GLN F 40 -1.74 0.43 -12.08
CA GLN F 40 -2.84 -0.48 -11.78
C GLN F 40 -2.79 -1.74 -12.62
N GLN F 41 -1.70 -1.95 -13.38
CA GLN F 41 -1.61 -3.07 -14.31
C GLN F 41 -0.52 -4.03 -13.89
N ARG F 42 -0.84 -5.33 -13.93
CA ARG F 42 0.15 -6.39 -13.96
C ARG F 42 0.02 -7.11 -15.30
N LEU F 43 1.15 -7.33 -15.96
CA LEU F 43 1.18 -8.04 -17.23
C LEU F 43 1.90 -9.37 -17.06
N ILE F 44 1.27 -10.44 -17.55
CA ILE F 44 1.80 -11.78 -17.43
C ILE F 44 1.92 -12.39 -18.82
N PHE F 45 3.10 -12.94 -19.12
CA PHE F 45 3.32 -13.66 -20.37
C PHE F 45 4.21 -14.86 -20.08
N ALA F 46 3.80 -16.03 -20.58
CA ALA F 46 4.58 -17.26 -20.43
C ALA F 46 4.83 -17.58 -18.96
N GLY F 47 3.81 -17.39 -18.12
CA GLY F 47 3.95 -17.66 -16.70
C GLY F 47 4.96 -16.78 -16.00
N ARG F 48 5.28 -15.63 -16.57
CA ARG F 48 6.21 -14.67 -15.97
C ARG F 48 5.53 -13.31 -15.90
N GLN F 49 5.81 -12.57 -14.84
CA GLN F 49 5.31 -11.22 -14.71
C GLN F 49 6.28 -10.25 -15.39
N LEU F 50 5.75 -9.44 -16.29
CA LEU F 50 6.57 -8.54 -17.09
C LEU F 50 6.99 -7.35 -16.24
N GLU F 51 8.30 -7.17 -16.06
CA GLU F 51 8.83 -6.16 -15.16
C GLU F 51 9.10 -4.86 -15.90
N ASP F 52 8.85 -3.75 -15.23
CA ASP F 52 9.22 -2.44 -15.78
C ASP F 52 10.73 -2.36 -15.97
N GLY F 53 11.15 -1.81 -17.10
CA GLY F 53 12.54 -1.73 -17.47
C GLY F 53 12.99 -2.76 -18.49
N ARG F 54 12.24 -3.85 -18.64
CA ARG F 54 12.53 -4.87 -19.64
C ARG F 54 11.72 -4.61 -20.90
N THR F 55 12.15 -5.20 -22.00
CA THR F 55 11.51 -5.03 -23.29
C THR F 55 10.69 -6.27 -23.65
N LEU F 56 9.90 -6.13 -24.71
CA LEU F 56 9.11 -7.25 -25.19
C LEU F 56 10.00 -8.35 -25.76
N SER F 57 11.10 -7.97 -26.41
CA SER F 57 12.04 -8.95 -26.93
C SER F 57 12.71 -9.73 -25.79
N ASP F 58 12.84 -9.11 -24.62
CA ASP F 58 13.41 -9.82 -23.47
C ASP F 58 12.59 -11.05 -23.12
N TYR F 59 11.27 -10.99 -23.31
CA TYR F 59 10.38 -12.09 -23.00
C TYR F 59 10.00 -12.90 -24.24
N ASN F 60 10.61 -12.60 -25.39
CA ASN F 60 10.34 -13.28 -26.65
C ASN F 60 8.87 -13.12 -27.05
N ILE F 61 8.31 -11.94 -26.78
CA ILE F 61 6.94 -11.65 -27.16
C ILE F 61 6.92 -11.29 -28.65
N GLN F 62 6.26 -12.13 -29.44
CA GLN F 62 6.24 -11.98 -30.89
C GLN F 62 4.94 -11.33 -31.35
N ARG F 63 4.79 -11.21 -32.66
CA ARG F 63 3.57 -10.66 -33.23
C ARG F 63 2.38 -11.54 -32.89
N GLU F 64 1.22 -10.90 -32.68
CA GLU F 64 -0.05 -11.56 -32.38
C GLU F 64 0.00 -12.37 -31.09
N SER F 65 1.00 -12.15 -30.24
CA SER F 65 0.97 -12.72 -28.90
C SER F 65 -0.05 -11.99 -28.05
N THR F 66 -0.51 -12.64 -27.00
CA THR F 66 -1.55 -12.10 -26.12
C THR F 66 -1.00 -11.99 -24.70
N LEU F 67 -0.96 -10.77 -24.18
CA LEU F 67 -0.55 -10.54 -22.80
C LEU F 67 -1.75 -10.65 -21.88
N HIS F 68 -1.56 -11.33 -20.75
CA HIS F 68 -2.60 -11.46 -19.74
C HIS F 68 -2.51 -10.29 -18.78
N LEU F 69 -3.56 -9.48 -18.72
CA LEU F 69 -3.60 -8.31 -17.86
C LEU F 69 -4.35 -8.64 -16.58
N VAL F 70 -3.78 -8.24 -15.45
CA VAL F 70 -4.38 -8.42 -14.14
C VAL F 70 -4.35 -7.09 -13.41
N LEU F 71 -5.49 -6.68 -12.86
CA LEU F 71 -5.58 -5.40 -12.18
C LEU F 71 -4.94 -5.46 -10.79
N ARG F 72 -4.34 -4.34 -10.40
CA ARG F 72 -3.81 -4.17 -9.05
C ARG F 72 -4.94 -3.62 -8.18
N LEU F 73 -5.52 -4.48 -7.35
CA LEU F 73 -6.72 -4.15 -6.59
C LEU F 73 -6.34 -3.89 -5.14
N ARG F 74 -6.69 -2.70 -4.64
CA ARG F 74 -6.41 -2.30 -3.27
C ARG F 74 -7.66 -1.71 -2.65
N GLY F 75 -7.96 -2.10 -1.42
CA GLY F 75 -9.10 -1.55 -0.71
C GLY F 75 -8.91 -0.07 -0.44
N GLY F 76 -9.97 0.70 -0.70
CA GLY F 76 -9.92 2.14 -0.56
C GLY F 76 -9.47 2.82 -1.84
N MET G 1 5.46 -32.34 -29.75
CA MET G 1 6.33 -31.20 -29.54
C MET G 1 6.67 -31.04 -28.06
N GLN G 2 7.58 -30.11 -27.76
CA GLN G 2 7.80 -29.66 -26.40
C GLN G 2 6.94 -28.44 -26.12
N ILE G 3 6.30 -28.43 -24.95
CA ILE G 3 5.67 -27.24 -24.41
C ILE G 3 6.10 -27.11 -22.96
N PHE G 4 5.90 -25.91 -22.41
CA PHE G 4 6.28 -25.61 -21.05
C PHE G 4 5.06 -25.21 -20.25
N VAL G 5 5.01 -25.66 -19.00
CA VAL G 5 3.99 -25.27 -18.04
C VAL G 5 4.70 -24.56 -16.90
N LYS G 6 4.34 -23.31 -16.66
CA LYS G 6 5.07 -22.45 -15.74
C LYS G 6 4.14 -21.88 -14.69
N THR G 7 4.60 -21.91 -13.44
CA THR G 7 3.93 -21.21 -12.35
C THR G 7 4.71 -19.95 -12.00
N LEU G 8 4.00 -18.94 -11.52
CA LEU G 8 4.65 -17.71 -11.09
C LEU G 8 5.52 -17.91 -9.86
N THR G 9 5.43 -19.07 -9.20
CA THR G 9 6.28 -19.40 -8.07
C THR G 9 7.66 -19.88 -8.47
N GLY G 10 7.88 -20.17 -9.75
CA GLY G 10 9.19 -20.54 -10.25
C GLY G 10 9.25 -21.89 -10.95
N LYS G 11 8.23 -22.73 -10.84
CA LYS G 11 8.28 -24.05 -11.46
C LYS G 11 8.20 -23.96 -12.97
N THR G 12 9.10 -24.66 -13.66
CA THR G 12 9.03 -24.84 -15.10
C THR G 12 9.15 -26.33 -15.38
N ILE G 13 8.09 -26.92 -15.95
CA ILE G 13 8.11 -28.32 -16.37
C ILE G 13 7.99 -28.36 -17.88
N THR G 14 8.68 -29.31 -18.49
CA THR G 14 8.67 -29.52 -19.93
C THR G 14 7.83 -30.76 -20.23
N LEU G 15 6.87 -30.62 -21.14
CA LEU G 15 5.97 -31.70 -21.50
C LEU G 15 6.13 -32.05 -22.97
N GLU G 16 6.07 -33.35 -23.26
CA GLU G 16 6.03 -33.87 -24.63
C GLU G 16 4.57 -34.06 -25.00
N VAL G 17 4.06 -33.23 -25.91
CA VAL G 17 2.65 -33.20 -26.25
C VAL G 17 2.51 -33.21 -27.77
N GLU G 18 1.26 -33.18 -28.21
CA GLU G 18 0.86 -33.07 -29.60
C GLU G 18 -0.26 -32.03 -29.70
N PRO G 19 -0.39 -31.36 -30.84
CA PRO G 19 -1.50 -30.40 -31.00
C PRO G 19 -2.88 -31.02 -30.77
N SER G 20 -3.02 -32.34 -30.95
CA SER G 20 -4.28 -33.01 -30.70
C SER G 20 -4.48 -33.39 -29.23
N ASP G 21 -3.52 -33.09 -28.37
CA ASP G 21 -3.66 -33.39 -26.95
C ASP G 21 -4.77 -32.54 -26.35
N THR G 22 -5.69 -33.18 -25.63
CA THR G 22 -6.73 -32.45 -24.92
C THR G 22 -6.14 -31.77 -23.68
N ILE G 23 -6.86 -30.76 -23.20
CA ILE G 23 -6.42 -30.08 -21.99
C ILE G 23 -6.46 -31.03 -20.80
N GLU G 24 -7.42 -31.95 -20.78
CA GLU G 24 -7.45 -32.98 -19.73
C GLU G 24 -6.19 -33.83 -19.76
N ASN G 25 -5.74 -34.20 -20.96
CA ASN G 25 -4.53 -35.02 -21.07
C ASN G 25 -3.30 -34.26 -20.57
N VAL G 26 -3.22 -32.97 -20.88
CA VAL G 26 -2.10 -32.17 -20.40
C VAL G 26 -2.14 -32.05 -18.89
N LYS G 27 -3.33 -31.89 -18.32
CA LYS G 27 -3.45 -31.76 -16.87
C LYS G 27 -3.11 -33.08 -16.17
N ALA G 28 -3.37 -34.21 -16.83
CA ALA G 28 -2.93 -35.50 -16.28
C ALA G 28 -1.41 -35.61 -16.30
N LYS G 29 -0.76 -35.03 -17.32
CA LYS G 29 0.69 -35.01 -17.36
C LYS G 29 1.27 -34.10 -16.28
N ILE G 30 0.54 -33.04 -15.92
CA ILE G 30 0.99 -32.16 -14.86
C ILE G 30 0.83 -32.82 -13.49
N GLN G 31 -0.27 -33.55 -13.29
CA GLN G 31 -0.47 -34.25 -12.04
C GLN G 31 0.64 -35.25 -11.76
N ASP G 32 1.12 -35.92 -12.82
CA ASP G 32 2.27 -36.81 -12.65
C ASP G 32 3.55 -36.04 -12.36
N LYS G 33 3.64 -34.79 -12.85
CA LYS G 33 4.83 -34.00 -12.62
C LYS G 33 4.79 -33.27 -11.27
N GLU G 34 3.63 -32.74 -10.89
CA GLU G 34 3.51 -31.87 -9.73
C GLU G 34 2.63 -32.42 -8.62
N GLY G 35 1.89 -33.50 -8.86
CA GLY G 35 1.04 -34.04 -7.81
C GLY G 35 -0.18 -33.23 -7.50
N ILE G 36 -0.63 -32.38 -8.41
CA ILE G 36 -1.83 -31.56 -8.22
C ILE G 36 -2.96 -32.23 -8.97
N PRO G 37 -4.10 -32.52 -8.33
CA PRO G 37 -5.20 -33.16 -9.03
C PRO G 37 -5.68 -32.30 -10.19
N PRO G 38 -6.23 -32.91 -11.24
CA PRO G 38 -6.69 -32.12 -12.39
C PRO G 38 -7.72 -31.07 -12.05
N ASP G 39 -8.66 -31.38 -11.14
CA ASP G 39 -9.68 -30.40 -10.78
C ASP G 39 -9.11 -29.27 -9.92
N GLN G 40 -7.87 -29.38 -9.47
CA GLN G 40 -7.19 -28.28 -8.79
C GLN G 40 -6.11 -27.64 -9.66
N GLN G 41 -6.13 -27.92 -10.96
CA GLN G 41 -5.28 -27.24 -11.93
C GLN G 41 -6.15 -26.31 -12.77
N ARG G 42 -5.58 -25.16 -13.13
CA ARG G 42 -6.18 -24.29 -14.13
C ARG G 42 -5.06 -23.72 -14.98
N LEU G 43 -5.14 -23.95 -16.28
CA LEU G 43 -4.12 -23.49 -17.22
C LEU G 43 -4.61 -22.25 -17.95
N ILE G 44 -3.72 -21.28 -18.12
CA ILE G 44 -4.02 -20.03 -18.81
C ILE G 44 -3.02 -19.86 -19.93
N PHE G 45 -3.53 -19.62 -21.14
CA PHE G 45 -2.70 -19.29 -22.29
C PHE G 45 -3.41 -18.20 -23.08
N ALA G 46 -2.64 -17.18 -23.49
CA ALA G 46 -3.19 -16.05 -24.23
C ALA G 46 -4.34 -15.38 -23.46
N GLY G 47 -4.19 -15.31 -22.14
CA GLY G 47 -5.20 -14.68 -21.31
C GLY G 47 -6.53 -15.38 -21.26
N ARG G 48 -6.58 -16.68 -21.58
CA ARG G 48 -7.81 -17.45 -21.57
C ARG G 48 -7.64 -18.70 -20.73
N GLN G 49 -8.70 -19.09 -20.03
CA GLN G 49 -8.70 -20.36 -19.32
C GLN G 49 -8.81 -21.50 -20.32
N LEU G 50 -7.88 -22.45 -20.24
CA LEU G 50 -7.92 -23.63 -21.10
C LEU G 50 -8.93 -24.61 -20.54
N GLU G 51 -9.95 -24.94 -21.33
CA GLU G 51 -11.06 -25.75 -20.85
C GLU G 51 -10.87 -27.21 -21.22
N ASP G 52 -11.56 -28.07 -20.47
CA ASP G 52 -11.24 -29.49 -20.43
C ASP G 52 -11.38 -30.14 -21.80
N GLY G 53 -12.54 -29.97 -22.44
CA GLY G 53 -12.83 -30.71 -23.65
C GLY G 53 -12.20 -30.16 -24.91
N ARG G 54 -11.28 -29.20 -24.77
CA ARG G 54 -10.62 -28.60 -25.91
C ARG G 54 -9.20 -29.13 -26.05
N THR G 55 -8.63 -28.94 -27.25
CA THR G 55 -7.28 -29.40 -27.55
C THR G 55 -6.31 -28.22 -27.57
N LEU G 56 -5.03 -28.55 -27.63
CA LEU G 56 -4.00 -27.52 -27.67
C LEU G 56 -4.10 -26.69 -28.95
N SER G 57 -4.42 -27.34 -30.07
CA SER G 57 -4.54 -26.62 -31.33
C SER G 57 -5.74 -25.68 -31.33
N ASP G 58 -6.75 -25.96 -30.51
CA ASP G 58 -7.91 -25.08 -30.43
C ASP G 58 -7.51 -23.70 -29.89
N TYR G 59 -6.47 -23.63 -29.08
CA TYR G 59 -5.98 -22.38 -28.54
C TYR G 59 -4.73 -21.88 -29.24
N ASN G 60 -4.38 -22.50 -30.38
CA ASN G 60 -3.21 -22.10 -31.18
C ASN G 60 -1.93 -22.21 -30.34
N ILE G 61 -1.86 -23.24 -29.50
CA ILE G 61 -0.67 -23.51 -28.72
C ILE G 61 0.33 -24.24 -29.60
N GLN G 62 1.46 -23.60 -29.87
CA GLN G 62 2.45 -24.12 -30.80
C GLN G 62 3.63 -24.75 -30.05
N ARG G 63 4.59 -25.25 -30.81
CA ARG G 63 5.79 -25.83 -30.22
C ARG G 63 6.54 -24.80 -29.40
N GLU G 64 6.97 -25.21 -28.20
CA GLU G 64 7.72 -24.38 -27.26
C GLU G 64 6.88 -23.25 -26.66
N SER G 65 5.55 -23.33 -26.79
CA SER G 65 4.69 -22.39 -26.07
C SER G 65 4.72 -22.69 -24.57
N THR G 66 4.38 -21.67 -23.78
CA THR G 66 4.40 -21.79 -22.32
C THR G 66 2.98 -21.60 -21.79
N LEU G 67 2.49 -22.61 -21.08
CA LEU G 67 1.19 -22.53 -20.42
C LEU G 67 1.37 -22.06 -18.98
N HIS G 68 0.47 -21.19 -18.53
CA HIS G 68 0.52 -20.65 -17.18
C HIS G 68 -0.32 -21.51 -16.26
N LEU G 69 0.31 -22.12 -15.26
CA LEU G 69 -0.37 -22.98 -14.31
C LEU G 69 -0.70 -22.20 -13.04
N VAL G 70 -1.97 -22.24 -12.64
CA VAL G 70 -2.41 -21.65 -11.39
C VAL G 70 -3.16 -22.70 -10.60
N LEU G 71 -3.21 -22.51 -9.28
CA LEU G 71 -3.86 -23.45 -8.38
C LEU G 71 -5.34 -23.09 -8.26
N ARG G 72 -6.20 -24.05 -8.61
CA ARG G 72 -7.64 -23.86 -8.58
C ARG G 72 -8.19 -24.54 -7.34
N LEU G 73 -8.79 -23.76 -6.43
CA LEU G 73 -9.30 -24.28 -5.18
C LEU G 73 -10.72 -23.80 -4.95
N ARG G 74 -11.55 -24.70 -4.40
CA ARG G 74 -12.89 -24.35 -3.99
C ARG G 74 -12.83 -23.36 -2.84
N GLY G 75 -13.34 -22.15 -3.07
CA GLY G 75 -13.34 -21.12 -2.05
C GLY G 75 -14.40 -20.07 -2.29
N GLY G 76 -15.09 -19.65 -1.24
CA GLY G 76 -16.19 -18.71 -1.37
C GLY G 76 -17.45 -19.38 -1.87
N VAL H 24 9.26 -11.64 -6.19
CA VAL H 24 7.91 -11.81 -5.66
C VAL H 24 7.72 -13.24 -5.15
N GLN H 25 7.25 -13.36 -3.92
CA GLN H 25 7.15 -14.66 -3.27
C GLN H 25 6.39 -14.51 -1.95
N LEU H 26 5.59 -15.52 -1.62
CA LEU H 26 4.93 -15.62 -0.33
C LEU H 26 5.67 -16.60 0.55
N GLN H 27 5.70 -16.32 1.86
CA GLN H 27 6.31 -17.23 2.82
C GLN H 27 5.48 -17.25 4.10
N GLU H 28 5.16 -18.46 4.56
CA GLU H 28 4.40 -18.64 5.78
C GLU H 28 5.33 -18.86 6.97
N SER H 29 4.80 -18.60 8.16
CA SER H 29 5.52 -18.82 9.40
C SER H 29 4.51 -18.89 10.54
N GLY H 30 4.98 -19.38 11.69
CA GLY H 30 4.16 -19.46 12.88
C GLY H 30 3.68 -20.85 13.24
N GLY H 31 3.92 -21.85 12.38
CA GLY H 31 3.50 -23.20 12.67
C GLY H 31 4.41 -23.88 13.68
N GLY H 32 3.99 -25.07 14.09
CA GLY H 32 4.76 -25.85 15.03
C GLY H 32 3.87 -26.86 15.74
N LEU H 33 4.43 -27.42 16.82
CA LEU H 33 3.71 -28.38 17.64
C LEU H 33 2.98 -27.65 18.76
N VAL H 34 1.68 -27.92 18.90
CA VAL H 34 0.85 -27.26 19.90
C VAL H 34 -0.11 -28.29 20.48
N GLN H 35 -0.51 -28.07 21.72
CA GLN H 35 -1.43 -28.99 22.38
C GLN H 35 -2.86 -28.76 21.89
N ALA H 36 -3.70 -29.78 22.08
CA ALA H 36 -5.10 -29.66 21.70
C ALA H 36 -5.78 -28.57 22.52
N GLY H 37 -6.60 -27.77 21.84
CA GLY H 37 -7.21 -26.61 22.45
C GLY H 37 -6.34 -25.37 22.48
N GLY H 38 -5.05 -25.50 22.18
CA GLY H 38 -4.17 -24.35 22.12
C GLY H 38 -4.45 -23.51 20.89
N SER H 39 -3.59 -22.51 20.69
CA SER H 39 -3.77 -21.57 19.61
C SER H 39 -2.45 -21.28 18.92
N LEU H 40 -2.54 -20.93 17.63
CA LEU H 40 -1.41 -20.51 16.83
C LEU H 40 -1.85 -19.37 15.92
N ARG H 41 -0.92 -18.46 15.63
CA ARG H 41 -1.14 -17.40 14.66
C ARG H 41 -0.15 -17.57 13.53
N LEU H 42 -0.65 -17.91 12.34
CA LEU H 42 0.19 -18.02 11.16
C LEU H 42 0.34 -16.67 10.48
N SER H 43 1.50 -16.44 9.89
CA SER H 43 1.82 -15.20 9.20
C SER H 43 2.21 -15.49 7.77
N CYS H 44 1.74 -14.66 6.85
CA CYS H 44 2.06 -14.79 5.43
C CYS H 44 2.65 -13.46 4.97
N ALA H 45 3.98 -13.43 4.84
CA ALA H 45 4.68 -12.24 4.39
C ALA H 45 4.78 -12.23 2.86
N ALA H 46 4.39 -11.12 2.25
CA ALA H 46 4.38 -10.98 0.80
C ALA H 46 5.40 -9.92 0.37
N SER H 47 6.15 -10.26 -0.68
CA SER H 47 7.05 -9.32 -1.32
C SER H 47 6.50 -8.95 -2.70
N GLY H 48 7.06 -7.89 -3.27
CA GLY H 48 6.65 -7.46 -4.60
C GLY H 48 5.21 -7.02 -4.70
N SER H 49 4.60 -6.59 -3.59
CA SER H 49 3.22 -6.13 -3.57
C SER H 49 2.26 -7.17 -4.15
N ILE H 50 2.46 -8.42 -3.73
CA ILE H 50 1.74 -9.53 -4.34
C ILE H 50 0.26 -9.49 -3.96
N PHE H 51 -0.06 -9.00 -2.77
CA PHE H 51 -1.43 -9.04 -2.27
C PHE H 51 -2.39 -8.12 -3.02
N ASP H 52 -1.89 -7.30 -3.96
CA ASP H 52 -2.81 -6.47 -4.74
C ASP H 52 -3.50 -7.26 -5.85
N LEU H 53 -3.26 -8.57 -5.95
CA LEU H 53 -4.07 -9.40 -6.84
C LEU H 53 -5.53 -9.37 -6.43
N GLY H 54 -5.81 -9.18 -5.15
CA GLY H 54 -7.15 -8.89 -4.67
C GLY H 54 -7.80 -9.99 -3.84
N VAL H 55 -7.34 -11.23 -3.97
CA VAL H 55 -7.96 -12.36 -3.27
C VAL H 55 -6.86 -13.17 -2.61
N MET H 56 -6.93 -13.30 -1.29
CA MET H 56 -5.96 -14.06 -0.51
C MET H 56 -6.68 -15.19 0.21
N GLY H 57 -5.91 -16.24 0.54
CA GLY H 57 -6.50 -17.38 1.21
C GLY H 57 -5.46 -18.25 1.88
N TRP H 58 -5.94 -19.01 2.87
CA TRP H 58 -5.15 -20.04 3.53
C TRP H 58 -5.74 -21.40 3.22
N TYR H 59 -4.91 -22.31 2.72
CA TYR H 59 -5.32 -23.69 2.50
C TYR H 59 -4.31 -24.61 3.16
N ARG H 60 -4.76 -25.84 3.43
CA ARG H 60 -3.93 -26.82 4.12
C ARG H 60 -3.98 -28.15 3.38
N GLN H 61 -3.00 -29.00 3.70
CA GLN H 61 -2.96 -30.36 3.15
C GLN H 61 -2.28 -31.26 4.17
N ALA H 62 -2.97 -32.32 4.56
CA ALA H 62 -2.46 -33.38 5.41
C ALA H 62 -1.99 -34.55 4.55
N PRO H 63 -1.05 -35.37 5.03
CA PRO H 63 -0.61 -36.52 4.24
C PRO H 63 -1.77 -37.47 3.96
N GLY H 64 -1.93 -37.83 2.69
CA GLY H 64 -3.01 -38.69 2.25
C GLY H 64 -4.27 -37.97 1.84
N LYS H 65 -4.41 -36.69 2.16
CA LYS H 65 -5.57 -35.88 1.81
C LYS H 65 -5.20 -34.84 0.78
N GLU H 66 -6.20 -34.11 0.30
CA GLU H 66 -6.02 -33.13 -0.76
C GLU H 66 -6.03 -31.71 -0.19
N ARG H 67 -5.58 -30.77 -1.02
CA ARG H 67 -5.56 -29.37 -0.63
C ARG H 67 -6.98 -28.86 -0.44
N GLU H 68 -7.21 -28.16 0.67
CA GLU H 68 -8.53 -27.60 0.95
C GLU H 68 -8.36 -26.22 1.56
N GLN H 69 -9.07 -25.25 1.01
CA GLN H 69 -9.03 -23.90 1.56
C GLN H 69 -9.79 -23.84 2.87
N VAL H 70 -9.19 -23.22 3.88
CA VAL H 70 -9.84 -23.03 5.17
C VAL H 70 -10.37 -21.63 5.39
N ALA H 71 -9.79 -20.60 4.76
CA ALA H 71 -10.19 -19.21 4.98
C ALA H 71 -9.78 -18.40 3.76
N GLY H 72 -10.53 -17.35 3.49
CA GLY H 72 -10.20 -16.46 2.38
C GLY H 72 -10.54 -15.04 2.74
N ILE H 73 -9.87 -14.10 2.07
CA ILE H 73 -10.10 -12.69 2.28
C ILE H 73 -9.84 -11.98 0.96
N ASP H 74 -10.64 -10.96 0.68
CA ASP H 74 -10.46 -10.11 -0.49
C ASP H 74 -9.92 -8.75 -0.09
N TYR H 75 -9.60 -7.93 -1.10
CA TYR H 75 -8.97 -6.64 -0.83
C TYR H 75 -9.92 -5.66 -0.15
N GLY H 76 -11.22 -5.96 -0.07
CA GLY H 76 -12.14 -5.19 0.72
C GLY H 76 -12.28 -5.64 2.15
N GLY H 77 -11.51 -6.64 2.57
CA GLY H 77 -11.57 -7.15 3.92
C GLY H 77 -12.64 -8.19 4.17
N VAL H 78 -13.47 -8.50 3.17
CA VAL H 78 -14.53 -9.48 3.36
C VAL H 78 -13.91 -10.87 3.46
N THR H 79 -14.29 -11.62 4.48
CA THR H 79 -13.72 -12.92 4.76
C THR H 79 -14.76 -14.02 4.58
N ASN H 80 -14.27 -15.23 4.36
CA ASN H 80 -15.11 -16.42 4.30
C ASN H 80 -14.31 -17.59 4.82
N TYR H 81 -15.00 -18.57 5.40
CA TYR H 81 -14.34 -19.66 6.10
C TYR H 81 -14.99 -20.99 5.72
N ALA H 82 -14.17 -22.04 5.73
CA ALA H 82 -14.71 -23.39 5.64
C ALA H 82 -15.48 -23.73 6.90
N ASP H 83 -16.48 -24.60 6.75
CA ASP H 83 -17.33 -24.96 7.88
C ASP H 83 -16.53 -25.58 9.02
N SER H 84 -15.45 -26.29 8.70
CA SER H 84 -14.68 -27.00 9.72
C SER H 84 -13.92 -26.07 10.65
N VAL H 85 -13.71 -24.81 10.26
CA VAL H 85 -12.95 -23.86 11.06
C VAL H 85 -13.76 -22.65 11.47
N LYS H 86 -15.05 -22.61 11.16
CA LYS H 86 -15.87 -21.46 11.51
C LYS H 86 -16.01 -21.36 13.02
N GLY H 87 -15.85 -20.15 13.55
CA GLY H 87 -15.87 -19.92 14.98
C GLY H 87 -14.55 -20.17 15.69
N ARG H 88 -13.56 -20.70 14.99
CA ARG H 88 -12.24 -20.98 15.56
C ARG H 88 -11.13 -20.21 14.88
N PHE H 89 -11.15 -20.11 13.56
CA PHE H 89 -10.11 -19.45 12.79
C PHE H 89 -10.54 -18.05 12.42
N THR H 90 -9.54 -17.17 12.24
CA THR H 90 -9.79 -15.79 11.83
C THR H 90 -8.68 -15.36 10.89
N ILE H 91 -9.05 -14.93 9.68
CA ILE H 91 -8.11 -14.43 8.70
C ILE H 91 -8.18 -12.91 8.68
N SER H 92 -7.01 -12.26 8.60
CA SER H 92 -6.92 -10.81 8.62
C SER H 92 -5.69 -10.40 7.82
N ARG H 93 -5.50 -9.09 7.69
CA ARG H 93 -4.45 -8.58 6.82
C ARG H 93 -3.99 -7.21 7.29
N ASP H 94 -2.67 -6.98 7.22
CA ASP H 94 -2.06 -5.65 7.38
C ASP H 94 -1.12 -5.34 6.21
N ASN H 95 -1.63 -4.62 5.21
CA ASN H 95 -0.81 -4.24 4.06
C ASN H 95 -0.21 -5.48 3.39
N ASP H 96 1.02 -5.86 3.74
CA ASP H 96 1.73 -6.95 3.08
C ASP H 96 1.89 -8.19 3.97
N THR H 97 0.97 -8.40 4.91
CA THR H 97 0.98 -9.60 5.72
C THR H 97 -0.45 -10.03 5.97
N VAL H 98 -0.74 -11.29 5.65
CA VAL H 98 -2.04 -11.92 5.90
C VAL H 98 -1.88 -12.88 7.06
N TYR H 99 -2.82 -12.84 7.99
CA TYR H 99 -2.75 -13.63 9.21
C TYR H 99 -3.84 -14.70 9.24
N LEU H 100 -3.56 -15.78 9.99
CA LEU H 100 -4.55 -16.82 10.26
C LEU H 100 -4.48 -17.12 11.76
N GLN H 101 -5.40 -16.54 12.52
CA GLN H 101 -5.48 -16.81 13.95
C GLN H 101 -6.24 -18.11 14.18
N MET H 102 -5.56 -19.09 14.74
CA MET H 102 -6.09 -20.44 14.90
C MET H 102 -6.34 -20.68 16.39
N ASN H 103 -7.60 -20.67 16.79
CA ASN H 103 -7.98 -20.93 18.17
C ASN H 103 -8.68 -22.28 18.28
N SER H 104 -8.62 -22.85 19.49
CA SER H 104 -9.30 -24.11 19.80
C SER H 104 -8.92 -25.21 18.81
N LEU H 105 -7.61 -25.42 18.66
CA LEU H 105 -7.11 -26.36 17.67
C LEU H 105 -7.39 -27.79 18.08
N LYS H 106 -7.81 -28.60 17.11
CA LYS H 106 -8.00 -30.03 17.29
C LYS H 106 -6.87 -30.79 16.59
N PRO H 107 -6.63 -32.05 16.98
CA PRO H 107 -5.69 -32.88 16.20
C PRO H 107 -6.06 -32.98 14.73
N GLU H 108 -7.32 -32.79 14.38
CA GLU H 108 -7.74 -32.86 12.99
C GLU H 108 -7.26 -31.66 12.17
N ASP H 109 -6.83 -30.59 12.84
CA ASP H 109 -6.24 -29.46 12.13
C ASP H 109 -4.79 -29.70 11.73
N THR H 110 -4.22 -30.85 12.07
CA THR H 110 -2.84 -31.15 11.74
C THR H 110 -2.67 -31.22 10.22
N ALA H 111 -1.85 -30.32 9.68
CA ALA H 111 -1.58 -30.26 8.25
C ALA H 111 -0.49 -29.22 8.00
N VAL H 112 0.03 -29.22 6.79
CA VAL H 112 0.87 -28.12 6.32
C VAL H 112 -0.03 -27.03 5.78
N TYR H 113 0.17 -25.80 6.26
CA TYR H 113 -0.70 -24.69 5.92
C TYR H 113 0.00 -23.75 4.95
N TYR H 114 -0.70 -23.40 3.88
CA TYR H 114 -0.18 -22.54 2.82
C TYR H 114 -1.05 -21.30 2.71
N CYS H 115 -0.42 -20.15 2.47
CA CYS H 115 -1.13 -18.96 2.08
C CYS H 115 -0.98 -18.76 0.57
N ALA H 116 -1.97 -18.12 -0.04
CA ALA H 116 -1.95 -17.97 -1.49
C ALA H 116 -2.67 -16.68 -1.86
N ALA H 117 -2.36 -16.19 -3.06
CA ALA H 117 -2.97 -14.99 -3.61
C ALA H 117 -3.26 -15.21 -5.08
N GLY H 118 -4.44 -14.80 -5.51
CA GLY H 118 -4.82 -15.03 -6.88
C GLY H 118 -6.07 -14.27 -7.27
N ILE H 119 -6.72 -14.77 -8.32
CA ILE H 119 -7.86 -14.11 -8.93
C ILE H 119 -8.98 -15.14 -9.11
N VAL H 120 -10.12 -14.65 -9.60
CA VAL H 120 -11.23 -15.49 -10.01
C VAL H 120 -11.40 -15.38 -11.51
N GLY H 121 -11.86 -16.46 -12.13
CA GLY H 121 -12.14 -16.51 -13.56
C GLY H 121 -13.63 -16.41 -13.82
N ASP H 122 -14.07 -17.05 -14.90
CA ASP H 122 -15.50 -17.11 -15.19
C ASP H 122 -16.25 -18.08 -14.28
N GLU H 123 -15.57 -18.68 -13.31
CA GLU H 123 -16.14 -19.72 -12.46
C GLU H 123 -16.72 -19.10 -11.20
N VAL H 124 -17.71 -19.77 -10.63
CA VAL H 124 -18.37 -19.35 -9.40
C VAL H 124 -17.88 -20.25 -8.28
N GLY H 125 -17.32 -19.64 -7.24
CA GLY H 125 -16.89 -20.41 -6.09
C GLY H 125 -15.55 -21.08 -6.23
N TRP H 126 -14.73 -20.68 -7.20
CA TRP H 126 -13.40 -21.23 -7.40
C TRP H 126 -12.40 -20.10 -7.51
N ILE H 127 -11.26 -20.26 -6.84
CA ILE H 127 -10.21 -19.25 -6.83
C ILE H 127 -9.02 -19.78 -7.62
N TYR H 128 -8.47 -18.93 -8.49
CA TYR H 128 -7.25 -19.24 -9.23
C TYR H 128 -6.10 -18.56 -8.51
N TYR H 129 -5.37 -19.31 -7.69
CA TYR H 129 -4.26 -18.74 -6.95
C TYR H 129 -3.00 -18.72 -7.82
N LEU H 130 -2.46 -17.52 -8.04
CA LEU H 130 -1.28 -17.35 -8.88
C LEU H 130 0.02 -17.56 -8.11
N TYR H 131 0.03 -17.25 -6.82
CA TYR H 131 1.19 -17.46 -5.97
C TYR H 131 0.78 -18.24 -4.74
N TRP H 132 1.73 -18.99 -4.19
CA TRP H 132 1.53 -19.73 -2.96
C TRP H 132 2.88 -19.93 -2.30
N GLY H 133 2.87 -20.04 -0.97
CA GLY H 133 4.09 -20.27 -0.23
C GLY H 133 4.48 -21.72 -0.19
N GLN H 134 5.61 -21.99 0.47
CA GLN H 134 6.11 -23.35 0.61
C GLN H 134 5.52 -24.07 1.82
N GLY H 135 4.72 -23.38 2.63
CA GLY H 135 3.96 -24.02 3.69
C GLY H 135 4.65 -23.96 5.03
N THR H 136 3.85 -24.05 6.08
CA THR H 136 4.32 -24.21 7.45
C THR H 136 3.52 -25.32 8.12
N GLN H 137 4.20 -26.16 8.88
CA GLN H 137 3.58 -27.34 9.47
C GLN H 137 2.93 -26.99 10.81
N VAL H 138 1.66 -27.36 10.96
CA VAL H 138 0.94 -27.25 12.20
C VAL H 138 0.60 -28.65 12.66
N THR H 139 1.07 -29.03 13.85
CA THR H 139 0.77 -30.32 14.44
C THR H 139 0.12 -30.10 15.80
N VAL H 140 -1.10 -30.60 15.94
CA VAL H 140 -1.88 -30.46 17.17
C VAL H 140 -1.96 -31.82 17.84
N SER H 141 -1.37 -31.93 19.02
CA SER H 141 -1.32 -33.18 19.76
C SER H 141 -2.09 -33.06 21.06
N SER H 142 -2.81 -34.12 21.41
CA SER H 142 -3.45 -34.17 22.72
C SER H 142 -2.39 -34.27 23.81
N HIS H 143 -2.51 -33.40 24.82
CA HIS H 143 -1.58 -33.37 25.94
C HIS H 143 -2.39 -33.33 27.22
N HIS H 144 -2.29 -34.38 28.03
CA HIS H 144 -3.09 -34.46 29.24
C HIS H 144 -2.72 -33.36 30.21
N HIS H 145 -3.74 -32.65 30.71
CA HIS H 145 -3.55 -31.59 31.70
C HIS H 145 -3.46 -32.24 33.07
N HIS H 146 -2.25 -32.45 33.55
CA HIS H 146 -2.02 -33.18 34.81
C HIS H 146 -1.88 -32.19 35.96
N HIS H 147 -3.02 -31.56 36.29
CA HIS H 147 -3.11 -30.65 37.44
C HIS H 147 -4.51 -30.82 38.04
N HIS H 148 -4.64 -31.83 38.89
CA HIS H 148 -5.94 -32.20 39.45
C HIS H 148 -6.26 -31.44 40.73
C1 GOL I . -0.95 12.54 19.45
O1 GOL I . -0.53 11.46 18.69
C2 GOL I . -2.49 12.47 19.53
O2 GOL I . -2.98 12.94 20.74
C3 GOL I . -2.99 13.32 18.34
O3 GOL I . -2.19 14.45 18.26
C1 IPA J . -17.69 19.68 18.09
C2 IPA J . -18.44 18.42 18.51
C3 IPA J . -19.72 18.29 17.70
O2 IPA J . -18.75 18.49 19.88
ZN ZN K . 1.22 32.65 -37.14
CL CL L . -23.67 4.85 -16.07
NA NA M . -26.90 -17.98 -14.38
C1 GOL N . 0.65 -17.14 -20.00
O1 GOL N . 1.21 -16.38 -18.97
C2 GOL N . 0.44 -16.20 -21.21
O2 GOL N . 0.23 -16.92 -22.38
C3 GOL N . -0.79 -15.34 -20.82
O3 GOL N . -1.84 -16.22 -20.60
NA NA O . -9.63 -0.53 -25.94
C1 IPA P . -3.76 -39.37 34.25
C2 IPA P . -3.36 -39.87 35.63
C3 IPA P . -3.64 -41.36 35.73
O2 IPA P . -4.11 -39.19 36.61
ZN ZN Q . -3.61 -36.88 35.46
#